data_3TY1
#
_entry.id   3TY1
#
_cell.length_a   124.033
_cell.length_b   119.953
_cell.length_c   103.015
_cell.angle_alpha   90.000
_cell.angle_beta   106.720
_cell.angle_gamma   90.000
#
_symmetry.space_group_name_H-M   'C 1 2 1'
#
loop_
_entity.id
_entity.type
_entity.pdbx_description
1 polymer 'Hypothetical aldose 1-epimerase'
2 non-polymer 'CHLORIDE ION'
3 non-polymer 'SULFATE ION'
4 non-polymer (4S)-2-METHYL-2,4-PENTANEDIOL
5 non-polymer (4R)-2-METHYLPENTANE-2,4-DIOL
6 water water
#
_entity_poly.entity_id   1
_entity_poly.type   'polypeptide(L)'
_entity_poly.pdbx_seq_one_letter_code
;GAKTWVLTNAEEGIDKGNWQINSDQLKVKDHAFSIEQKVLHGGKQEGSKILTIHSKDGLTITLSPTRG(MSE)NLLRIEG
FGSR(MSE)GWDSPVKEVVNPAFINLESRNGLGWLEGFNE(MSE)(MSE)VRCGYEWTGHPVTADGQIYTLHGKAGNTPA
SLVEVEVADSAPYEIRIRGLVKESTFKKADLQTLTELRYVPGSNSFSLHDVLTNHADYPHDYQIIYHSNFGTPILEEGAR
FLAPISSISPFNDYAKSGLKTWQTYQGPTKDFDE(MSE)VFNIQPLADENHQTLAAVVNKAGDKGASIQFDTRQLPVLTL
WKNTDTVKQGYVTGIEPGTSYAYPVTIERKQKRVKQLQPGASAQFDLTYTLLHDSAQVAAVEQKIAKIQGDNKVAENETP
IAKE
;
_entity_poly.pdbx_strand_id   A,B,C
#
loop_
_chem_comp.id
_chem_comp.type
_chem_comp.name
_chem_comp.formula
CL non-polymer 'CHLORIDE ION' 'Cl -1'
MPD non-polymer (4S)-2-METHYL-2,4-PENTANEDIOL 'C6 H14 O2'
MRD non-polymer (4R)-2-METHYLPENTANE-2,4-DIOL 'C6 H14 O2'
SO4 non-polymer 'SULFATE ION' 'O4 S -2'
#
# COMPACT_ATOMS: atom_id res chain seq x y z
N GLY A 1 38.43 -2.90 -18.93
CA GLY A 1 37.44 -3.90 -18.48
C GLY A 1 36.85 -3.51 -17.13
N ALA A 2 35.81 -4.26 -16.74
CA ALA A 2 35.08 -4.01 -15.50
C ALA A 2 34.36 -5.29 -15.10
N LYS A 3 34.11 -5.45 -13.81
CA LYS A 3 33.30 -6.55 -13.35
C LYS A 3 31.95 -5.96 -12.94
N THR A 4 30.88 -6.66 -13.31
CA THR A 4 29.52 -6.26 -12.96
C THR A 4 28.88 -7.32 -12.08
N TRP A 5 28.26 -6.90 -10.96
CA TRP A 5 27.40 -7.77 -10.15
C TRP A 5 25.95 -7.35 -10.32
N VAL A 6 25.05 -8.31 -10.52
CA VAL A 6 23.64 -8.02 -10.72
C VAL A 6 22.97 -8.30 -9.39
N LEU A 7 22.58 -7.25 -8.70
CA LEU A 7 22.01 -7.39 -7.36
C LEU A 7 20.52 -7.71 -7.40
N THR A 8 19.85 -7.18 -8.43
CA THR A 8 18.40 -7.28 -8.58
C THR A 8 18.08 -7.37 -10.05
N ASN A 9 17.23 -8.31 -10.40
CA ASN A 9 16.77 -8.45 -11.79
C ASN A 9 15.38 -9.08 -11.81
N ALA A 10 14.37 -8.21 -11.90
CA ALA A 10 12.99 -8.65 -11.83
C ALA A 10 12.65 -9.54 -13.00
N GLU A 11 13.26 -9.28 -14.16
CA GLU A 11 13.01 -10.11 -15.34
C GLU A 11 13.33 -11.59 -15.07
N GLU A 12 14.34 -11.85 -14.22
CA GLU A 12 14.69 -13.22 -13.79
CA GLU A 12 14.70 -13.21 -13.78
C GLU A 12 14.14 -13.54 -12.39
N GLY A 13 13.42 -12.60 -11.78
CA GLY A 13 12.81 -12.80 -10.46
C GLY A 13 13.79 -12.84 -9.29
N ILE A 14 14.96 -12.23 -9.42
CA ILE A 14 16.00 -12.37 -8.41
C ILE A 14 16.35 -11.10 -7.69
N ASP A 15 16.80 -11.23 -6.44
CA ASP A 15 17.29 -10.12 -5.63
C ASP A 15 18.22 -10.74 -4.62
N LYS A 16 19.48 -10.34 -4.62
CA LYS A 16 20.47 -10.87 -3.72
C LYS A 16 20.25 -10.51 -2.25
N GLY A 17 19.45 -9.48 -1.96
CA GLY A 17 19.25 -9.07 -0.56
C GLY A 17 20.57 -8.58 0.02
N ASN A 18 20.92 -9.07 1.21
CA ASN A 18 22.21 -8.71 1.84
C ASN A 18 23.40 -9.17 1.00
N TRP A 19 24.33 -8.26 0.72
CA TRP A 19 25.43 -8.58 -0.20
C TRP A 19 26.52 -7.56 0.00
N GLN A 20 27.77 -7.98 -0.15
CA GLN A 20 28.86 -7.01 -0.11
C GLN A 20 30.03 -7.48 -0.92
N ILE A 21 30.79 -6.50 -1.37
CA ILE A 21 32.13 -6.77 -1.89
C ILE A 21 33.07 -5.74 -1.31
N ASN A 22 34.35 -6.06 -1.28
CA ASN A 22 35.31 -5.13 -0.76
C ASN A 22 36.62 -5.19 -1.52
N SER A 23 37.34 -4.08 -1.46
CA SER A 23 38.56 -3.87 -2.19
C SER A 23 39.65 -4.90 -1.84
N ASP A 24 39.69 -5.31 -0.57
CA ASP A 24 40.60 -6.36 -0.11
C ASP A 24 40.40 -7.68 -0.85
N GLN A 25 39.18 -8.23 -0.78
CA GLN A 25 38.86 -9.46 -1.50
C GLN A 25 39.00 -9.33 -3.02
N LEU A 26 38.78 -8.14 -3.56
CA LEU A 26 38.98 -7.89 -4.99
C LEU A 26 40.47 -7.66 -5.37
N LYS A 27 41.36 -7.63 -4.38
CA LYS A 27 42.78 -7.36 -4.55
C LYS A 27 43.05 -5.99 -5.20
N VAL A 28 42.22 -5.00 -4.85
CA VAL A 28 42.40 -3.59 -5.26
C VAL A 28 43.36 -2.97 -4.26
N LYS A 29 44.43 -2.36 -4.79
CA LYS A 29 45.62 -1.99 -3.96
C LYS A 29 45.78 -0.50 -3.54
N ASP A 30 44.94 0.38 -4.07
CA ASP A 30 45.06 1.82 -3.86
C ASP A 30 43.97 2.20 -2.80
N HIS A 31 43.00 3.06 -3.12
CA HIS A 31 42.03 3.52 -2.15
C HIS A 31 41.10 2.39 -1.73
N ALA A 32 41.01 2.12 -0.41
CA ALA A 32 40.15 1.06 0.14
C ALA A 32 38.71 1.44 0.11
N PHE A 33 37.86 0.46 -0.18
CA PHE A 33 36.44 0.68 -0.18
C PHE A 33 35.67 -0.64 -0.07
N SER A 34 34.40 -0.51 0.21
CA SER A 34 33.50 -1.66 0.16
C SER A 34 32.17 -1.16 -0.39
N ILE A 35 31.40 -2.08 -0.95
CA ILE A 35 30.06 -1.76 -1.47
C ILE A 35 29.15 -2.81 -0.82
N GLU A 36 28.11 -2.33 -0.16
CA GLU A 36 27.21 -3.18 0.60
C GLU A 36 25.75 -2.85 0.41
N GLN A 37 24.96 -3.91 0.16
CA GLN A 37 23.52 -3.83 0.17
C GLN A 37 23.03 -4.49 1.47
N LYS A 38 22.11 -3.81 2.13
CA LYS A 38 21.54 -4.23 3.36
C LYS A 38 20.04 -4.12 3.30
N VAL A 39 19.37 -5.20 3.76
CA VAL A 39 17.93 -5.22 3.85
C VAL A 39 17.60 -4.75 5.24
N LEU A 40 16.78 -3.72 5.33
CA LEU A 40 16.44 -3.11 6.62
C LEU A 40 15.15 -3.70 7.20
N HIS A 41 14.95 -3.47 8.50
CA HIS A 41 13.81 -4.03 9.23
C HIS A 41 13.33 -3.02 10.28
N GLY A 42 12.11 -3.21 10.73
CA GLY A 42 11.52 -2.38 11.78
C GLY A 42 10.64 -1.27 11.25
N GLY A 43 9.53 -1.00 11.96
CA GLY A 43 8.66 0.09 11.56
C GLY A 43 8.20 0.01 10.11
N LYS A 44 8.11 1.15 9.44
CA LYS A 44 7.69 1.21 8.04
C LYS A 44 8.86 0.97 7.06
N GLN A 45 10.00 0.59 7.63
CA GLN A 45 11.23 0.34 6.89
C GLN A 45 11.38 -1.14 6.59
N GLU A 46 10.39 -1.97 6.97
CA GLU A 46 10.47 -3.41 6.77
C GLU A 46 10.63 -3.77 5.28
N GLY A 47 11.73 -4.43 4.96
CA GLY A 47 12.01 -4.86 3.59
C GLY A 47 12.73 -3.84 2.72
N SER A 48 12.90 -2.60 3.19
CA SER A 48 13.59 -1.58 2.44
C SER A 48 15.05 -1.89 2.31
N LYS A 49 15.64 -1.63 1.14
CA LYS A 49 17.08 -1.83 0.97
C LYS A 49 17.84 -0.50 0.91
N ILE A 50 19.07 -0.53 1.42
CA ILE A 50 20.05 0.53 1.20
C ILE A 50 21.26 -0.09 0.54
N LEU A 51 21.95 0.72 -0.26
CA LEU A 51 23.14 0.28 -0.96
C LEU A 51 24.16 1.39 -0.74
N THR A 52 25.31 1.04 -0.18
CA THR A 52 26.30 2.00 0.25
C THR A 52 27.68 1.71 -0.32
N ILE A 53 28.33 2.75 -0.85
CA ILE A 53 29.75 2.71 -1.13
C ILE A 53 30.46 3.28 0.11
N HIS A 54 31.22 2.45 0.82
CA HIS A 54 31.97 2.90 1.99
C HIS A 54 33.40 3.17 1.55
N SER A 55 33.90 4.37 1.80
CA SER A 55 35.28 4.74 1.47
CA SER A 55 35.30 4.73 1.48
C SER A 55 36.10 4.92 2.75
N LYS A 56 37.37 4.55 2.69
CA LYS A 56 38.24 4.84 3.83
C LYS A 56 38.53 6.36 3.87
N ASP A 57 38.94 6.94 2.72
CA ASP A 57 39.44 8.29 2.59
CA ASP A 57 39.35 8.36 2.68
C ASP A 57 38.70 9.09 1.49
N GLY A 58 37.41 8.87 1.33
CA GLY A 58 36.66 9.51 0.27
C GLY A 58 35.26 9.76 0.72
N LEU A 59 34.32 9.58 -0.20
CA LEU A 59 32.91 9.77 0.10
C LEU A 59 32.27 8.43 0.47
N THR A 60 31.42 8.47 1.48
CA THR A 60 30.57 7.33 1.80
C THR A 60 29.19 7.70 1.26
N ILE A 61 28.71 6.90 0.31
CA ILE A 61 27.51 7.25 -0.43
C ILE A 61 26.45 6.20 -0.22
N THR A 62 25.29 6.62 0.29
CA THR A 62 24.20 5.70 0.59
C THR A 62 23.05 6.01 -0.27
N LEU A 63 22.54 4.99 -0.94
CA LEU A 63 21.32 5.15 -1.75
C LEU A 63 20.33 4.06 -1.42
N SER A 64 19.09 4.20 -1.84
CA SER A 64 18.06 3.21 -1.59
C SER A 64 17.42 2.68 -2.88
N PRO A 65 17.70 1.41 -3.24
CA PRO A 65 17.04 0.81 -4.40
C PRO A 65 15.53 0.66 -4.26
N THR A 66 15.03 0.52 -3.03
CA THR A 66 13.61 0.44 -2.78
C THR A 66 12.92 1.76 -3.10
N ARG A 67 13.63 2.88 -2.86
CA ARG A 67 13.10 4.24 -3.05
C ARG A 67 13.73 4.90 -4.29
N GLY A 68 13.58 4.23 -5.44
CA GLY A 68 13.93 4.77 -6.78
C GLY A 68 15.39 5.14 -7.00
N MSE A 69 16.27 4.55 -6.20
CA MSE A 69 17.70 4.89 -6.21
C MSE A 69 17.97 6.32 -5.74
O MSE A 69 19.05 6.90 -6.02
CB MSE A 69 18.35 4.62 -7.57
CG MSE A 69 18.04 3.31 -8.21
SE MSE A 69 18.81 1.77 -7.39
CE MSE A 69 20.73 2.03 -7.76
N ASN A 70 17.06 6.88 -4.94
CA ASN A 70 17.29 8.16 -4.28
C ASN A 70 18.58 8.07 -3.47
N LEU A 71 19.27 9.20 -3.33
CA LEU A 71 20.50 9.29 -2.59
C LEU A 71 20.08 9.73 -1.19
N LEU A 72 20.48 8.94 -0.21
CA LEU A 72 20.09 9.24 1.18
C LEU A 72 21.05 10.21 1.87
N ARG A 73 22.34 9.96 1.67
CA ARG A 73 23.37 10.71 2.38
CA ARG A 73 23.39 10.57 2.47
C ARG A 73 24.73 10.50 1.72
N ILE A 74 25.51 11.58 1.73
CA ILE A 74 26.89 11.59 1.21
C ILE A 74 27.74 12.15 2.34
N GLU A 75 28.77 11.42 2.81
CA GLU A 75 29.59 11.82 3.95
C GLU A 75 31.05 11.66 3.59
N GLY A 76 31.86 12.65 3.97
CA GLY A 76 33.29 12.58 3.80
C GLY A 76 33.96 13.92 4.02
N PHE A 77 35.27 13.87 4.13
CA PHE A 77 36.10 15.06 4.26
C PHE A 77 35.65 16.02 5.38
N GLY A 78 35.12 15.48 6.46
CA GLY A 78 34.68 16.29 7.61
C GLY A 78 33.34 16.99 7.40
N SER A 79 32.56 16.57 6.41
CA SER A 79 31.30 17.23 6.09
C SER A 79 30.32 16.20 5.55
N ARG A 80 29.21 16.68 5.03
CA ARG A 80 28.21 15.81 4.42
C ARG A 80 27.28 16.57 3.54
N MSE A 81 26.64 15.83 2.64
CA MSE A 81 25.51 16.33 1.88
C MSE A 81 24.32 15.57 2.45
O MSE A 81 24.25 14.34 2.38
CB MSE A 81 25.64 16.05 0.37
CG MSE A 81 26.90 16.59 -0.30
SE MSE A 81 26.75 16.20 -2.23
CE MSE A 81 28.55 16.65 -2.58
N GLY A 82 23.39 16.29 3.03
CA GLY A 82 22.20 15.68 3.59
C GLY A 82 21.62 16.54 4.65
N TRP A 83 20.56 16.03 5.27
CA TRP A 83 19.83 16.76 6.31
C TRP A 83 19.12 15.80 7.23
N ASP A 84 18.63 16.32 8.35
CA ASP A 84 17.98 15.52 9.38
C ASP A 84 16.49 15.83 9.37
N SER A 85 15.75 14.93 8.75
CA SER A 85 14.30 15.01 8.65
C SER A 85 13.66 14.38 9.89
N PRO A 86 12.42 14.79 10.23
CA PRO A 86 11.70 14.02 11.23
C PRO A 86 11.42 12.56 10.84
N VAL A 87 11.41 12.25 9.55
CA VAL A 87 11.21 10.89 9.03
C VAL A 87 12.61 10.22 9.07
N LYS A 88 12.81 9.36 10.05
CA LYS A 88 14.10 8.72 10.28
C LYS A 88 14.21 7.37 9.56
N GLU A 89 13.10 6.77 9.21
CA GLU A 89 13.12 5.47 8.56
C GLU A 89 13.24 5.60 7.03
N VAL A 90 13.79 4.56 6.40
CA VAL A 90 13.82 4.39 4.97
C VAL A 90 12.49 3.67 4.65
N VAL A 91 11.46 4.47 4.37
CA VAL A 91 10.10 3.97 4.30
C VAL A 91 9.89 3.14 3.04
N ASN A 92 9.45 1.89 3.24
CA ASN A 92 9.13 1.02 2.11
C ASN A 92 7.90 1.65 1.46
N PRO A 93 7.92 1.90 0.13
CA PRO A 93 6.72 2.50 -0.52
C PRO A 93 5.39 1.75 -0.29
N ALA A 94 5.44 0.46 0.04
CA ALA A 94 4.23 -0.32 0.43
C ALA A 94 3.45 0.29 1.59
N PHE A 95 4.12 1.08 2.43
CA PHE A 95 3.50 1.74 3.56
C PHE A 95 3.22 3.22 3.33
N ILE A 96 3.32 3.70 2.10
CA ILE A 96 3.01 5.11 1.82
C ILE A 96 1.84 5.11 0.88
N ASN A 97 0.82 5.95 1.15
CA ASN A 97 -0.27 6.20 0.21
C ASN A 97 -0.03 7.63 -0.30
N LEU A 98 0.48 7.76 -1.51
CA LEU A 98 0.83 9.07 -2.08
C LEU A 98 -0.36 10.01 -2.24
N GLU A 99 -1.56 9.43 -2.39
CA GLU A 99 -2.78 10.20 -2.52
CA GLU A 99 -2.80 10.19 -2.51
C GLU A 99 -3.28 10.74 -1.17
N SER A 100 -2.81 10.18 -0.07
CA SER A 100 -3.28 10.62 1.24
C SER A 100 -2.82 12.07 1.55
N ARG A 101 -3.50 12.67 2.54
CA ARG A 101 -3.29 14.07 2.88
C ARG A 101 -3.44 14.96 1.63
N ASN A 102 -4.41 14.63 0.79
CA ASN A 102 -4.69 15.41 -0.44
C ASN A 102 -3.46 15.51 -1.37
N GLY A 103 -2.84 14.36 -1.62
CA GLY A 103 -1.67 14.26 -2.47
C GLY A 103 -0.33 14.62 -1.85
N LEU A 104 -0.27 14.65 -0.53
CA LEU A 104 0.96 14.93 0.19
C LEU A 104 1.53 13.74 1.00
N GLY A 105 1.07 12.52 0.73
CA GLY A 105 1.61 11.32 1.40
C GLY A 105 3.11 11.15 1.23
N TRP A 106 3.64 11.68 0.12
CA TRP A 106 5.09 11.70 -0.12
C TRP A 106 5.88 12.31 1.06
N LEU A 107 5.28 13.25 1.79
CA LEU A 107 5.89 13.83 2.98
C LEU A 107 6.22 12.81 4.09
N GLU A 108 5.53 11.67 4.09
CA GLU A 108 5.76 10.61 5.08
C GLU A 108 7.06 9.85 4.85
N GLY A 109 7.65 9.99 3.66
CA GLY A 109 8.91 9.33 3.33
C GLY A 109 10.13 10.21 3.12
N PHE A 110 9.95 11.52 3.24
CA PHE A 110 10.99 12.45 2.79
C PHE A 110 12.08 12.73 3.79
N ASN A 111 13.25 12.16 3.49
CA ASN A 111 14.46 12.44 4.28
C ASN A 111 15.78 12.43 3.48
N GLU A 112 15.68 12.41 2.16
CA GLU A 112 16.82 12.14 1.31
C GLU A 112 17.60 13.40 0.91
N MSE A 113 18.86 13.16 0.59
CA MSE A 113 19.77 14.13 0.04
C MSE A 113 19.44 14.41 -1.44
O MSE A 113 19.60 15.53 -1.89
CB MSE A 113 21.21 13.62 0.20
CG MSE A 113 22.26 14.55 -0.32
SE MSE A 113 22.84 14.18 -2.17
CE MSE A 113 22.62 15.85 -2.80
N MSE A 114 19.00 13.38 -2.19
CA MSE A 114 18.60 13.61 -3.61
C MSE A 114 17.41 12.71 -3.98
O MSE A 114 17.53 11.50 -3.96
CB MSE A 114 19.80 13.44 -4.58
CG MSE A 114 19.73 14.21 -5.91
SE MSE A 114 18.31 13.55 -7.05
CE MSE A 114 19.06 11.79 -7.44
N VAL A 115 16.27 13.33 -4.28
CA VAL A 115 15.07 12.64 -4.74
C VAL A 115 14.79 12.99 -6.20
N ARG A 116 14.61 11.99 -7.06
CA ARG A 116 14.17 12.26 -8.43
C ARG A 116 12.66 12.49 -8.33
N CYS A 117 12.23 13.74 -8.54
CA CYS A 117 10.83 14.12 -8.46
C CYS A 117 10.32 14.14 -9.90
N GLY A 118 9.80 13.00 -10.33
CA GLY A 118 9.44 12.75 -11.73
C GLY A 118 9.13 11.27 -11.88
N TYR A 119 9.11 10.68 -13.09
CA TYR A 119 9.29 11.40 -14.37
C TYR A 119 7.98 11.63 -15.12
N GLU A 120 6.97 10.84 -14.82
CA GLU A 120 5.66 10.99 -15.49
C GLU A 120 5.05 12.39 -15.18
N TRP A 121 5.25 12.86 -13.95
CA TRP A 121 4.93 14.24 -13.57
C TRP A 121 5.75 14.62 -12.34
N THR A 122 5.66 15.88 -11.95
CA THR A 122 6.38 16.40 -10.80
C THR A 122 5.62 17.57 -10.18
N GLY A 123 6.15 18.07 -9.07
CA GLY A 123 5.66 19.30 -8.48
C GLY A 123 4.58 19.14 -7.43
N HIS A 124 4.12 20.28 -6.92
CA HIS A 124 3.08 20.27 -5.89
C HIS A 124 1.82 19.58 -6.42
N PRO A 125 1.01 18.99 -5.54
CA PRO A 125 -0.17 18.25 -5.99
C PRO A 125 -1.33 19.11 -6.52
N VAL A 126 -2.17 18.49 -7.33
CA VAL A 126 -3.37 19.11 -7.88
C VAL A 126 -4.25 18.02 -8.35
N THR A 127 -5.57 18.22 -8.22
CA THR A 127 -6.55 17.34 -8.82
C THR A 127 -6.96 17.96 -10.15
N ALA A 128 -6.67 17.28 -11.24
CA ALA A 128 -6.97 17.74 -12.62
C ALA A 128 -7.37 16.50 -13.34
N ASP A 129 -8.20 16.68 -14.37
N ASP A 129 -8.08 16.61 -14.46
CA ASP A 129 -9.07 15.63 -14.95
CA ASP A 129 -8.40 15.45 -15.30
C ASP A 129 -9.92 15.33 -13.74
C ASP A 129 -9.14 14.34 -14.47
N GLY A 130 -10.13 14.04 -13.47
N GLY A 130 -9.85 14.78 -13.41
CA GLY A 130 -10.69 13.68 -12.19
CA GLY A 130 -10.54 13.89 -12.46
C GLY A 130 -9.64 13.03 -11.31
C GLY A 130 -9.66 13.09 -11.48
N GLN A 131 -8.34 13.29 -11.55
CA GLN A 131 -7.31 12.48 -10.85
C GLN A 131 -6.38 13.30 -10.00
N ILE A 132 -5.82 12.67 -8.98
CA ILE A 132 -4.87 13.36 -8.10
C ILE A 132 -3.47 13.16 -8.64
N TYR A 133 -2.81 14.25 -9.01
CA TYR A 133 -1.40 14.23 -9.32
C TYR A 133 -0.70 14.48 -8.02
N THR A 134 -0.03 13.46 -7.51
CA THR A 134 0.55 13.49 -6.18
C THR A 134 1.92 14.18 -6.18
N LEU A 135 2.28 14.71 -5.01
CA LEU A 135 3.50 15.47 -4.83
C LEU A 135 4.75 14.78 -5.39
N HIS A 136 5.35 15.41 -6.38
CA HIS A 136 6.67 15.00 -6.92
C HIS A 136 6.74 13.66 -7.61
N GLY A 137 5.62 13.20 -8.13
CA GLY A 137 5.61 12.02 -8.96
C GLY A 137 5.92 10.72 -8.22
N LYS A 138 6.31 9.73 -9.01
CA LYS A 138 6.45 8.36 -8.51
C LYS A 138 7.82 7.73 -8.47
N ALA A 139 8.82 8.31 -9.16
CA ALA A 139 10.14 7.65 -9.29
C ALA A 139 10.74 7.40 -7.93
N GLY A 140 10.66 8.41 -7.08
CA GLY A 140 11.23 8.31 -5.75
C GLY A 140 10.62 7.27 -4.81
N ASN A 141 9.40 6.82 -5.10
CA ASN A 141 8.73 5.78 -4.33
C ASN A 141 8.49 4.50 -5.13
N THR A 142 9.35 4.26 -6.13
CA THR A 142 9.29 3.08 -6.97
C THR A 142 10.54 2.22 -6.74
N PRO A 143 10.38 0.96 -6.32
CA PRO A 143 11.50 0.04 -6.19
C PRO A 143 12.14 -0.30 -7.53
N ALA A 144 13.46 -0.26 -7.58
CA ALA A 144 14.17 -0.52 -8.81
C ALA A 144 13.93 -1.98 -9.27
N SER A 145 13.83 -2.15 -10.59
CA SER A 145 13.58 -3.45 -11.19
C SER A 145 14.88 -4.16 -11.54
N LEU A 146 15.92 -3.40 -11.78
CA LEU A 146 17.24 -3.94 -12.16
C LEU A 146 18.26 -3.09 -11.42
N VAL A 147 19.16 -3.72 -10.68
CA VAL A 147 20.20 -3.03 -9.95
C VAL A 147 21.51 -3.76 -10.24
N GLU A 148 22.51 -3.02 -10.75
CA GLU A 148 23.86 -3.54 -11.05
C GLU A 148 24.92 -2.65 -10.43
N VAL A 149 25.98 -3.29 -9.97
CA VAL A 149 27.16 -2.62 -9.44
C VAL A 149 28.34 -3.02 -10.34
N GLU A 150 29.11 -2.03 -10.76
CA GLU A 150 30.25 -2.25 -11.66
C GLU A 150 31.49 -1.61 -11.04
N VAL A 151 32.61 -2.31 -11.12
CA VAL A 151 33.89 -1.79 -10.63
C VAL A 151 34.92 -2.04 -11.73
N ALA A 152 35.56 -0.97 -12.18
CA ALA A 152 36.62 -1.08 -13.19
C ALA A 152 37.73 -2.00 -12.69
N ASP A 153 38.33 -2.73 -13.62
CA ASP A 153 39.36 -3.72 -13.26
C ASP A 153 40.75 -3.16 -12.99
N SER A 154 40.95 -1.85 -13.20
CA SER A 154 42.26 -1.25 -12.93
C SER A 154 42.07 0.18 -12.45
N ALA A 155 43.13 0.75 -11.88
CA ALA A 155 43.12 2.11 -11.35
C ALA A 155 42.57 3.08 -12.38
N PRO A 156 41.74 4.03 -11.96
CA PRO A 156 41.31 4.39 -10.61
C PRO A 156 40.10 3.67 -10.05
N TYR A 157 39.72 2.50 -10.61
CA TYR A 157 38.66 1.68 -9.98
C TYR A 157 37.31 2.36 -9.84
N GLU A 158 36.91 3.04 -10.91
CA GLU A 158 35.64 3.71 -10.95
C GLU A 158 34.50 2.70 -10.68
N ILE A 159 33.57 3.11 -9.81
CA ILE A 159 32.42 2.35 -9.42
C ILE A 159 31.22 2.98 -10.11
N ARG A 160 30.35 2.14 -10.68
CA ARG A 160 29.10 2.61 -11.22
C ARG A 160 27.98 1.79 -10.63
N ILE A 161 26.92 2.46 -10.23
CA ILE A 161 25.76 1.82 -9.66
C ILE A 161 24.57 2.21 -10.50
N ARG A 162 23.98 1.22 -11.16
CA ARG A 162 22.83 1.45 -12.04
C ARG A 162 21.57 0.87 -11.45
N GLY A 163 20.44 1.57 -11.65
CA GLY A 163 19.13 1.11 -11.21
C GLY A 163 18.02 1.51 -12.16
N LEU A 164 17.31 0.53 -12.71
CA LEU A 164 16.18 0.78 -13.64
C LEU A 164 14.90 0.96 -12.82
N VAL A 165 14.30 2.15 -12.93
CA VAL A 165 13.08 2.54 -12.21
C VAL A 165 11.98 2.73 -13.25
N LYS A 166 10.95 1.92 -13.17
CA LYS A 166 9.94 1.86 -14.20
C LYS A 166 8.64 2.52 -13.81
N GLU A 167 8.02 3.21 -14.78
CA GLU A 167 6.73 3.84 -14.63
C GLU A 167 5.91 3.33 -15.84
N SER A 168 5.50 2.06 -15.74
CA SER A 168 4.80 1.27 -16.76
C SER A 168 3.35 1.03 -16.34
N THR A 169 2.42 1.51 -17.15
CA THR A 169 0.99 1.40 -16.85
C THR A 169 0.25 1.15 -18.13
N PHE A 170 -0.50 0.05 -18.19
CA PHE A 170 -1.28 -0.26 -19.42
C PHE A 170 -2.21 0.90 -19.77
N LYS A 171 -2.25 1.27 -21.04
CA LYS A 171 -3.06 2.38 -21.59
C LYS A 171 -2.57 3.76 -21.24
N LYS A 172 -1.49 3.91 -20.49
CA LYS A 172 -1.13 5.24 -19.97
C LYS A 172 0.29 5.68 -20.32
N ALA A 173 1.25 4.84 -20.00
CA ALA A 173 2.67 5.20 -20.15
C ALA A 173 3.60 4.00 -20.03
N ASP A 174 4.78 4.12 -20.64
CA ASP A 174 5.87 3.18 -20.38
C ASP A 174 7.16 3.97 -20.41
N LEU A 175 7.33 4.76 -19.36
CA LEU A 175 8.51 5.54 -19.14
C LEU A 175 9.40 4.76 -18.19
N GLN A 176 10.68 4.67 -18.51
CA GLN A 176 11.63 3.97 -17.67
C GLN A 176 12.94 4.74 -17.61
N THR A 177 13.52 4.87 -16.43
CA THR A 177 14.77 5.60 -16.24
C THR A 177 15.86 4.68 -15.74
N LEU A 178 16.93 4.55 -16.52
CA LEU A 178 18.11 3.82 -16.09
C LEU A 178 18.94 4.85 -15.38
N THR A 179 18.86 4.84 -14.04
CA THR A 179 19.66 5.75 -13.23
C THR A 179 21.08 5.23 -13.14
N GLU A 180 22.06 6.15 -13.03
CA GLU A 180 23.46 5.72 -12.85
C GLU A 180 24.23 6.75 -12.05
N LEU A 181 24.86 6.27 -10.98
CA LEU A 181 25.80 7.05 -10.18
C LEU A 181 27.21 6.51 -10.43
N ARG A 182 28.17 7.41 -10.62
CA ARG A 182 29.57 7.05 -10.87
C ARG A 182 30.43 7.72 -9.81
N TYR A 183 31.34 6.95 -9.22
CA TYR A 183 32.21 7.46 -8.17
C TYR A 183 33.60 6.85 -8.30
N VAL A 184 34.63 7.70 -8.32
CA VAL A 184 36.00 7.26 -8.31
C VAL A 184 36.46 7.25 -6.84
N PRO A 185 36.88 6.07 -6.34
CA PRO A 185 37.33 5.97 -4.96
C PRO A 185 38.33 7.02 -4.57
N GLY A 186 38.13 7.67 -3.42
CA GLY A 186 39.02 8.76 -2.98
C GLY A 186 38.64 10.18 -3.45
N SER A 187 37.76 10.27 -4.42
CA SER A 187 37.33 11.54 -4.98
C SER A 187 36.39 12.27 -4.02
N ASN A 188 36.29 13.58 -4.18
CA ASN A 188 35.29 14.38 -3.45
C ASN A 188 34.05 14.66 -4.33
N SER A 189 33.95 14.06 -5.51
CA SER A 189 32.78 14.24 -6.34
C SER A 189 32.19 12.92 -6.80
N PHE A 190 30.93 12.96 -7.18
CA PHE A 190 30.27 11.82 -7.84
C PHE A 190 29.42 12.40 -8.95
N SER A 191 29.01 11.58 -9.90
CA SER A 191 28.19 12.09 -11.00
C SER A 191 27.01 11.16 -11.20
N LEU A 192 25.94 11.74 -11.74
CA LEU A 192 24.76 11.02 -12.19
C LEU A 192 24.72 11.12 -13.71
N HIS A 193 24.35 10.03 -14.35
CA HIS A 193 24.15 9.92 -15.78
C HIS A 193 22.93 9.08 -15.99
N ASP A 194 21.77 9.69 -15.75
CA ASP A 194 20.51 9.01 -15.88
C ASP A 194 20.04 9.10 -17.33
N VAL A 195 19.31 8.09 -17.78
CA VAL A 195 18.71 8.08 -19.11
C VAL A 195 17.22 7.67 -18.99
N LEU A 196 16.34 8.61 -19.29
CA LEU A 196 14.90 8.35 -19.35
C LEU A 196 14.60 7.88 -20.77
N THR A 197 13.87 6.78 -20.90
CA THR A 197 13.45 6.28 -22.20
C THR A 197 11.95 6.06 -22.24
N ASN A 198 11.34 6.52 -23.34
CA ASN A 198 9.93 6.28 -23.58
C ASN A 198 9.82 5.00 -24.39
N HIS A 199 9.42 3.91 -23.73
CA HIS A 199 9.29 2.60 -24.38
C HIS A 199 7.96 2.41 -25.08
N ALA A 200 7.08 3.42 -25.03
CA ALA A 200 5.75 3.32 -25.64
C ALA A 200 5.83 3.66 -27.11
N ASP A 201 4.73 3.47 -27.83
CA ASP A 201 4.63 3.82 -29.24
C ASP A 201 4.04 5.21 -29.49
N TYR A 202 3.75 5.95 -28.41
CA TYR A 202 3.15 7.28 -28.50
C TYR A 202 3.99 8.27 -27.72
N PRO A 203 4.01 9.54 -28.17
CA PRO A 203 4.75 10.51 -27.38
C PRO A 203 4.12 10.63 -26.01
N HIS A 204 4.95 10.84 -24.98
CA HIS A 204 4.44 11.03 -23.64
C HIS A 204 5.13 12.22 -22.97
N ASP A 205 4.34 12.95 -22.19
CA ASP A 205 4.88 14.02 -21.36
C ASP A 205 5.85 13.50 -20.29
N TYR A 206 6.81 14.33 -19.89
CA TYR A 206 7.64 14.02 -18.74
C TYR A 206 8.05 15.32 -18.09
N GLN A 207 8.34 15.23 -16.80
CA GLN A 207 8.89 16.30 -16.00
C GLN A 207 9.88 15.72 -15.00
N ILE A 208 10.93 16.47 -14.65
CA ILE A 208 11.87 16.00 -13.60
C ILE A 208 12.49 17.16 -12.85
N ILE A 209 12.63 17.02 -11.53
CA ILE A 209 13.38 17.93 -10.70
C ILE A 209 14.35 17.03 -9.92
N TYR A 210 15.66 17.35 -9.98
CA TYR A 210 16.69 16.69 -9.18
C TYR A 210 16.76 17.46 -7.85
N HIS A 211 15.96 17.01 -6.90
CA HIS A 211 15.68 17.73 -5.68
C HIS A 211 16.81 17.43 -4.70
N SER A 212 17.79 18.32 -4.65
CA SER A 212 19.06 18.07 -3.94
C SER A 212 19.11 18.90 -2.67
N ASN A 213 19.33 18.24 -1.52
CA ASN A 213 19.02 18.83 -0.21
C ASN A 213 20.22 18.84 0.71
N PHE A 214 20.53 20.01 1.28
CA PHE A 214 21.77 20.22 2.05
C PHE A 214 21.41 20.90 3.36
N GLY A 215 21.85 20.31 4.47
CA GLY A 215 21.62 20.90 5.79
C GLY A 215 22.96 21.16 6.42
N THR A 216 23.00 21.12 7.76
CA THR A 216 24.26 21.30 8.47
C THR A 216 25.24 20.15 8.09
N PRO A 217 26.56 20.38 8.14
CA PRO A 217 27.32 21.57 8.54
C PRO A 217 27.53 22.62 7.47
N ILE A 218 27.02 22.42 6.26
CA ILE A 218 27.17 23.42 5.19
C ILE A 218 26.22 24.58 5.43
N LEU A 219 24.95 24.26 5.64
CA LEU A 219 23.92 25.27 5.89
C LEU A 219 24.06 25.75 7.32
N GLU A 220 24.00 27.07 7.48
CA GLU A 220 24.10 27.78 8.74
C GLU A 220 23.77 29.24 8.43
N GLU A 221 23.58 30.01 9.49
CA GLU A 221 23.45 31.47 9.39
C GLU A 221 24.67 32.02 8.64
N GLY A 222 24.43 32.80 7.60
CA GLY A 222 25.52 33.42 6.84
C GLY A 222 26.05 32.52 5.73
N ALA A 223 25.49 31.33 5.57
CA ALA A 223 25.81 30.49 4.41
C ALA A 223 25.26 31.22 3.21
N ARG A 224 25.77 30.85 2.04
CA ARG A 224 25.45 31.55 0.81
C ARG A 224 25.06 30.57 -0.28
N PHE A 225 24.14 31.02 -1.14
CA PHE A 225 23.76 30.30 -2.34
C PHE A 225 24.43 31.01 -3.49
N LEU A 226 25.18 30.24 -4.29
CA LEU A 226 25.93 30.80 -5.42
C LEU A 226 25.39 30.22 -6.72
N ALA A 227 25.13 31.07 -7.71
CA ALA A 227 24.73 30.58 -9.04
C ALA A 227 24.80 31.74 -10.03
N PRO A 228 25.12 31.45 -11.32
CA PRO A 228 25.10 32.43 -12.39
C PRO A 228 23.68 32.46 -12.92
N ILE A 229 23.03 33.62 -12.84
CA ILE A 229 21.62 33.70 -13.18
CA ILE A 229 21.59 33.77 -13.06
C ILE A 229 21.24 34.95 -13.95
N SER A 230 20.27 34.76 -14.84
CA SER A 230 19.72 35.90 -15.60
CA SER A 230 19.65 35.82 -15.65
C SER A 230 18.55 36.50 -14.83
N SER A 231 17.70 35.69 -14.21
CA SER A 231 16.60 36.22 -13.40
C SER A 231 16.22 35.36 -12.23
N ILE A 232 15.63 35.97 -11.24
CA ILE A 232 15.11 35.26 -10.05
C ILE A 232 13.86 35.96 -9.57
N SER A 233 12.86 35.15 -9.22
CA SER A 233 11.58 35.62 -8.74
C SER A 233 11.03 34.75 -7.62
N PRO A 234 10.26 35.34 -6.71
CA PRO A 234 9.75 34.51 -5.64
C PRO A 234 8.66 33.58 -6.15
N PHE A 235 8.56 32.39 -5.54
CA PHE A 235 7.56 31.37 -5.90
C PHE A 235 6.12 31.83 -5.62
N ASN A 236 5.95 32.57 -4.51
CA ASN A 236 4.66 33.12 -4.06
C ASN A 236 4.89 34.45 -3.31
N ASP A 237 3.80 35.04 -2.81
CA ASP A 237 3.87 36.32 -2.10
C ASP A 237 4.73 36.27 -0.85
N TYR A 238 4.68 35.14 -0.15
CA TYR A 238 5.42 34.97 1.06
C TYR A 238 6.91 35.07 0.81
N ALA A 239 7.40 34.56 -0.32
CA ALA A 239 8.82 34.64 -0.65
C ALA A 239 9.30 36.04 -1.09
N LYS A 240 8.38 36.97 -1.37
CA LYS A 240 8.79 38.30 -1.83
C LYS A 240 9.74 38.98 -0.84
N SER A 241 9.52 38.82 0.48
CA SER A 241 10.37 39.49 1.47
C SER A 241 11.84 39.00 1.50
N GLY A 242 12.08 37.79 1.00
CA GLY A 242 13.42 37.21 0.92
C GLY A 242 14.16 37.42 -0.38
N LEU A 243 13.53 38.04 -1.38
CA LEU A 243 14.14 38.15 -2.70
C LEU A 243 15.44 38.94 -2.67
N LYS A 244 15.47 40.12 -2.03
CA LYS A 244 16.69 40.93 -1.98
C LYS A 244 17.87 40.15 -1.35
N THR A 245 17.61 39.25 -0.39
CA THR A 245 18.69 38.48 0.27
C THR A 245 18.70 37.01 -0.19
N TRP A 246 18.35 36.78 -1.45
CA TRP A 246 18.32 35.42 -1.99
C TRP A 246 19.61 34.66 -1.84
N GLN A 247 20.75 35.36 -1.89
CA GLN A 247 22.06 34.72 -1.83
C GLN A 247 22.47 34.26 -0.43
N THR A 248 21.79 34.71 0.63
CA THR A 248 22.25 34.51 2.01
C THR A 248 21.20 33.76 2.81
N TYR A 249 21.64 32.82 3.63
CA TYR A 249 20.74 32.03 4.47
C TYR A 249 20.72 32.55 5.91
N GLN A 250 19.53 32.48 6.52
CA GLN A 250 19.34 32.72 7.94
C GLN A 250 19.70 31.45 8.72
N GLY A 251 19.87 31.61 10.04
CA GLY A 251 20.04 30.51 10.97
C GLY A 251 18.66 29.84 11.11
N PRO A 252 18.58 28.75 11.91
CA PRO A 252 17.29 28.07 12.13
C PRO A 252 16.27 29.01 12.75
N THR A 253 15.16 29.24 12.06
CA THR A 253 14.21 30.29 12.43
C THR A 253 12.81 29.75 12.66
N LYS A 254 12.30 29.90 13.87
CA LYS A 254 10.95 29.41 14.20
C LYS A 254 9.94 30.19 13.34
N ASP A 255 8.89 29.51 12.85
CA ASP A 255 7.80 30.12 12.06
C ASP A 255 8.19 30.59 10.67
N PHE A 256 9.33 30.14 10.18
CA PHE A 256 9.79 30.59 8.88
C PHE A 256 9.09 29.80 7.78
N ASP A 257 8.94 28.50 8.02
CA ASP A 257 8.44 27.54 7.04
C ASP A 257 9.43 27.43 5.87
N GLU A 258 9.18 28.13 4.77
CA GLU A 258 10.06 28.12 3.62
C GLU A 258 9.87 29.33 2.72
N MSE A 259 10.91 29.63 1.97
CA MSE A 259 10.78 30.60 0.85
C MSE A 259 11.44 29.93 -0.36
O MSE A 259 12.53 29.36 -0.25
CB MSE A 259 11.41 31.96 1.19
CG MSE A 259 10.65 32.70 2.22
SE MSE A 259 11.38 34.44 2.56
CE MSE A 259 10.06 34.99 3.89
N VAL A 260 10.70 29.90 -1.45
CA VAL A 260 11.16 29.28 -2.67
C VAL A 260 11.33 30.35 -3.73
N PHE A 261 12.36 30.20 -4.58
CA PHE A 261 12.66 31.14 -5.66
C PHE A 261 12.85 30.37 -6.95
N ASN A 262 12.29 30.94 -8.01
CA ASN A 262 12.39 30.39 -9.34
C ASN A 262 13.46 31.10 -10.10
N ILE A 263 14.43 30.35 -10.61
CA ILE A 263 15.63 30.88 -11.27
C ILE A 263 15.74 30.47 -12.72
N GLN A 264 16.19 31.42 -13.55
CA GLN A 264 16.58 31.14 -14.93
CA GLN A 264 16.55 31.18 -14.95
C GLN A 264 18.11 31.21 -14.94
N PRO A 265 18.77 30.06 -14.98
CA PRO A 265 20.25 30.08 -14.89
C PRO A 265 20.96 30.49 -16.19
N LEU A 266 22.18 31.00 -16.07
CA LEU A 266 23.09 31.24 -17.21
C LEU A 266 24.00 30.01 -17.32
N ALA A 267 24.51 29.76 -18.51
CA ALA A 267 25.37 28.60 -18.78
C ALA A 267 26.62 29.02 -19.52
N ASP A 268 27.69 28.23 -19.46
CA ASP A 268 28.89 28.48 -20.28
C ASP A 268 28.57 28.07 -21.73
N GLU A 269 29.53 28.15 -22.62
CA GLU A 269 29.31 27.86 -24.06
C GLU A 269 29.04 26.38 -24.36
N ASN A 270 29.33 25.49 -23.41
CA ASN A 270 29.01 24.08 -23.54
C ASN A 270 27.71 23.72 -22.79
N HIS A 271 26.93 24.76 -22.44
CA HIS A 271 25.60 24.65 -21.82
C HIS A 271 25.66 24.09 -20.41
N GLN A 272 26.81 24.18 -19.78
CA GLN A 272 26.99 23.70 -18.43
C GLN A 272 26.83 24.90 -17.51
N THR A 273 26.18 24.67 -16.38
CA THR A 273 26.09 25.68 -15.34
C THR A 273 26.48 25.04 -14.00
N LEU A 274 26.59 25.86 -12.95
CA LEU A 274 27.10 25.43 -11.65
C LEU A 274 26.39 26.22 -10.58
N ALA A 275 25.85 25.52 -9.59
CA ALA A 275 25.21 26.13 -8.43
C ALA A 275 25.79 25.51 -7.18
N ALA A 276 25.79 26.27 -6.10
CA ALA A 276 26.42 25.78 -4.86
C ALA A 276 25.86 26.45 -3.59
N VAL A 277 25.97 25.73 -2.48
CA VAL A 277 25.74 26.25 -1.17
C VAL A 277 27.05 26.13 -0.42
N VAL A 278 27.46 27.23 0.21
CA VAL A 278 28.72 27.27 0.92
C VAL A 278 28.46 27.86 2.31
N ASN A 279 29.27 27.43 3.27
CA ASN A 279 29.12 27.91 4.63
C ASN A 279 29.59 29.39 4.74
N LYS A 280 29.44 29.98 5.91
CA LYS A 280 29.76 31.40 6.11
CA LYS A 280 29.76 31.41 6.12
C LYS A 280 31.26 31.70 5.95
N ALA A 281 32.12 30.83 6.49
CA ALA A 281 33.56 31.01 6.38
C ALA A 281 34.06 30.77 4.93
N GLY A 282 33.27 30.10 4.11
CA GLY A 282 33.66 29.77 2.73
C GLY A 282 34.69 28.65 2.65
N ASP A 283 34.65 27.70 3.60
CA ASP A 283 35.56 26.54 3.59
C ASP A 283 34.87 25.15 3.49
N LYS A 284 33.54 25.13 3.49
CA LYS A 284 32.76 23.95 3.24
C LYS A 284 31.66 24.29 2.25
N GLY A 285 31.28 23.34 1.43
CA GLY A 285 30.15 23.53 0.54
C GLY A 285 29.83 22.35 -0.31
N ALA A 286 28.87 22.55 -1.20
CA ALA A 286 28.51 21.51 -2.18
C ALA A 286 28.11 22.21 -3.43
N SER A 287 28.56 21.68 -4.55
CA SER A 287 28.23 22.25 -5.87
C SER A 287 27.59 21.20 -6.73
N ILE A 288 26.70 21.66 -7.59
CA ILE A 288 26.02 20.82 -8.55
C ILE A 288 26.25 21.43 -9.91
N GLN A 289 26.81 20.63 -10.80
CA GLN A 289 26.92 20.99 -12.20
C GLN A 289 25.80 20.32 -12.95
N PHE A 290 25.15 21.05 -13.85
CA PHE A 290 24.10 20.48 -14.69
C PHE A 290 24.10 21.15 -16.05
N ASP A 291 23.43 20.50 -16.99
CA ASP A 291 23.36 20.89 -18.39
C ASP A 291 22.01 21.57 -18.63
N THR A 292 22.04 22.86 -19.00
CA THR A 292 20.80 23.62 -19.19
C THR A 292 19.95 23.25 -20.43
N ARG A 293 20.47 22.40 -21.30
CA ARG A 293 19.63 21.80 -22.37
C ARG A 293 18.75 20.67 -21.85
N GLN A 294 19.19 20.01 -20.77
CA GLN A 294 18.49 18.91 -20.16
C GLN A 294 17.60 19.40 -19.02
N LEU A 295 18.13 20.32 -18.22
CA LEU A 295 17.47 20.83 -17.02
C LEU A 295 17.53 22.38 -17.13
N PRO A 296 16.62 22.97 -17.91
CA PRO A 296 16.72 24.42 -18.16
C PRO A 296 16.45 25.39 -17.05
N VAL A 297 15.76 24.96 -15.97
CA VAL A 297 15.37 25.83 -14.88
C VAL A 297 15.94 25.36 -13.57
N LEU A 298 15.90 26.26 -12.59
CA LEU A 298 16.45 25.98 -11.26
C LEU A 298 15.53 26.51 -10.17
N THR A 299 15.30 25.71 -9.15
CA THR A 299 14.51 26.11 -7.98
C THR A 299 15.42 26.12 -6.77
N LEU A 300 15.28 27.17 -5.98
CA LEU A 300 16.01 27.33 -4.73
C LEU A 300 14.96 27.24 -3.61
N TRP A 301 15.09 26.23 -2.76
CA TRP A 301 14.17 25.98 -1.67
C TRP A 301 14.94 26.35 -0.40
N LYS A 302 14.51 27.42 0.28
CA LYS A 302 15.18 27.88 1.49
C LYS A 302 14.26 27.52 2.65
N ASN A 303 14.55 26.40 3.28
CA ASN A 303 13.71 25.86 4.36
C ASN A 303 14.47 26.03 5.66
N THR A 304 14.68 27.30 6.04
CA THR A 304 15.50 27.64 7.21
C THR A 304 14.65 27.75 8.48
N ASP A 305 13.87 26.69 8.76
CA ASP A 305 13.04 26.62 9.94
C ASP A 305 13.90 26.01 11.09
N THR A 306 13.26 25.45 12.12
CA THR A 306 14.01 24.94 13.26
C THR A 306 14.71 23.64 12.81
N VAL A 307 15.73 23.24 13.57
CA VAL A 307 16.47 22.04 13.22
C VAL A 307 15.56 20.80 13.27
N LYS A 308 14.65 20.73 14.22
CA LYS A 308 13.72 19.58 14.26
C LYS A 308 12.68 19.64 13.16
N GLN A 309 12.18 20.84 12.86
CA GLN A 309 11.17 20.98 11.80
C GLN A 309 11.77 20.70 10.43
N GLY A 310 13.02 21.13 10.21
CA GLY A 310 13.71 21.01 8.93
C GLY A 310 14.52 22.27 8.68
N TYR A 311 15.84 22.12 8.79
CA TYR A 311 16.78 23.23 8.48
C TYR A 311 17.58 22.71 7.30
N VAL A 312 17.15 23.11 6.11
CA VAL A 312 17.66 22.53 4.89
C VAL A 312 17.41 23.45 3.70
N THR A 313 18.26 23.33 2.69
CA THR A 313 18.03 24.02 1.44
C THR A 313 18.07 23.03 0.30
N GLY A 314 17.21 23.28 -0.67
CA GLY A 314 17.17 22.48 -1.90
C GLY A 314 17.75 23.28 -3.02
N ILE A 315 18.67 22.69 -3.78
CA ILE A 315 19.18 23.27 -5.06
C ILE A 315 18.61 22.31 -6.07
N GLU A 316 17.61 22.73 -6.82
CA GLU A 316 16.77 21.80 -7.58
C GLU A 316 16.70 22.07 -9.06
N PRO A 317 17.69 21.58 -9.79
CA PRO A 317 17.63 21.78 -11.23
C PRO A 317 16.53 20.91 -11.81
N GLY A 318 15.81 21.44 -12.78
CA GLY A 318 14.72 20.71 -13.34
C GLY A 318 14.31 21.13 -14.72
N THR A 319 13.41 20.34 -15.30
CA THR A 319 12.69 20.73 -16.51
C THR A 319 11.52 21.67 -16.14
N SER A 320 11.09 21.58 -14.89
CA SER A 320 9.96 22.34 -14.36
C SER A 320 10.30 23.00 -13.03
N TYR A 321 9.49 24.02 -12.72
CA TYR A 321 9.42 24.58 -11.39
C TYR A 321 8.44 23.70 -10.62
N ALA A 322 8.32 23.97 -9.32
CA ALA A 322 7.55 23.13 -8.44
C ALA A 322 6.05 23.39 -8.40
N TYR A 323 5.55 24.28 -9.26
CA TYR A 323 4.11 24.45 -9.41
C TYR A 323 3.47 23.15 -9.88
N PRO A 324 2.15 22.98 -9.67
CA PRO A 324 1.47 21.77 -10.13
C PRO A 324 1.51 21.59 -11.64
N VAL A 325 1.28 20.37 -12.08
CA VAL A 325 1.35 20.01 -13.48
C VAL A 325 0.42 20.84 -14.38
N THR A 326 -0.70 21.32 -13.82
CA THR A 326 -1.61 22.23 -14.51
C THR A 326 -0.91 23.54 -14.91
N ILE A 327 -0.16 24.14 -13.99
CA ILE A 327 0.59 25.40 -14.26
C ILE A 327 1.75 25.14 -15.20
N GLU A 328 2.49 24.05 -14.95
CA GLU A 328 3.64 23.68 -15.80
C GLU A 328 3.25 23.37 -17.25
N ARG A 329 2.07 22.81 -17.46
CA ARG A 329 1.55 22.62 -18.83
C ARG A 329 1.17 23.97 -19.47
N LYS A 330 0.40 24.76 -18.71
CA LYS A 330 -0.09 26.07 -19.16
C LYS A 330 1.08 26.94 -19.58
N GLN A 331 2.13 26.99 -18.76
CA GLN A 331 3.31 27.79 -19.08
C GLN A 331 4.37 27.07 -19.96
N LYS A 332 3.99 25.92 -20.56
CA LYS A 332 4.77 25.24 -21.60
C LYS A 332 6.14 24.70 -21.19
N ARG A 333 6.33 24.35 -19.92
CA ARG A 333 7.58 23.74 -19.49
C ARG A 333 7.54 22.20 -19.48
N VAL A 334 6.35 21.59 -19.58
CA VAL A 334 6.26 20.13 -19.66
C VAL A 334 6.86 19.69 -21.01
N LYS A 335 7.89 18.85 -20.95
CA LYS A 335 8.60 18.37 -22.12
C LYS A 335 7.86 17.13 -22.61
N GLN A 336 8.10 16.74 -23.85
CA GLN A 336 7.52 15.54 -24.48
CA GLN A 336 7.52 15.51 -24.43
C GLN A 336 8.66 14.62 -24.97
N LEU A 337 8.51 13.31 -24.85
CA LEU A 337 9.51 12.35 -25.31
C LEU A 337 8.85 11.50 -26.38
N GLN A 338 9.44 11.49 -27.57
CA GLN A 338 8.89 10.76 -28.71
C GLN A 338 8.99 9.26 -28.52
N PRO A 339 8.17 8.46 -29.26
CA PRO A 339 8.22 7.01 -29.13
C PRO A 339 9.63 6.46 -29.32
N GLY A 340 10.12 5.69 -28.36
CA GLY A 340 11.45 5.11 -28.44
C GLY A 340 12.60 6.07 -28.12
N ALA A 341 12.32 7.33 -27.84
CA ALA A 341 13.39 8.31 -27.65
C ALA A 341 13.84 8.33 -26.18
N SER A 342 15.03 8.89 -25.98
CA SER A 342 15.66 9.01 -24.70
C SER A 342 16.02 10.45 -24.37
N ALA A 343 16.03 10.78 -23.09
CA ALA A 343 16.47 12.06 -22.56
C ALA A 343 17.55 11.74 -21.53
N GLN A 344 18.69 12.44 -21.61
CA GLN A 344 19.81 12.25 -20.68
C GLN A 344 19.83 13.33 -19.62
N PHE A 345 20.34 12.97 -18.44
CA PHE A 345 20.51 13.87 -17.31
C PHE A 345 21.90 13.61 -16.70
N ASP A 346 22.82 14.55 -16.94
CA ASP A 346 24.22 14.47 -16.52
C ASP A 346 24.45 15.57 -15.46
N LEU A 347 24.76 15.14 -14.23
CA LEU A 347 25.02 16.05 -13.12
C LEU A 347 26.26 15.64 -12.38
N THR A 348 27.03 16.62 -11.92
CA THR A 348 28.19 16.33 -11.06
C THR A 348 28.02 17.08 -9.74
N TYR A 349 28.10 16.34 -8.66
CA TYR A 349 28.00 16.84 -7.28
C TYR A 349 29.37 16.77 -6.64
N THR A 350 29.82 17.90 -6.08
CA THR A 350 31.13 17.95 -5.50
C THR A 350 31.01 18.44 -4.06
N LEU A 351 31.65 17.71 -3.16
CA LEU A 351 31.73 18.09 -1.77
C LEU A 351 33.02 18.94 -1.63
N LEU A 352 32.80 20.22 -1.38
CA LEU A 352 33.85 21.23 -1.28
C LEU A 352 34.29 21.25 0.18
N HIS A 353 35.57 20.99 0.43
CA HIS A 353 36.04 20.80 1.83
C HIS A 353 37.22 21.68 2.20
N ASP A 354 37.52 22.70 1.40
CA ASP A 354 38.46 23.74 1.82
C ASP A 354 38.19 25.05 1.09
N SER A 355 38.84 26.12 1.55
CA SER A 355 38.65 27.47 0.99
C SER A 355 38.97 27.56 -0.48
N ALA A 356 40.06 26.92 -0.90
CA ALA A 356 40.50 26.94 -2.30
C ALA A 356 39.47 26.32 -3.20
N GLN A 357 38.83 25.23 -2.75
CA GLN A 357 37.77 24.58 -3.54
C GLN A 357 36.54 25.45 -3.68
N VAL A 358 36.09 26.04 -2.58
CA VAL A 358 34.98 27.00 -2.63
C VAL A 358 35.31 28.21 -3.55
N ALA A 359 36.55 28.73 -3.45
CA ALA A 359 36.97 29.91 -4.22
C ALA A 359 36.94 29.61 -5.72
N ALA A 360 37.42 28.42 -6.09
CA ALA A 360 37.38 27.94 -7.47
C ALA A 360 35.95 27.87 -8.02
N VAL A 361 35.02 27.36 -7.22
CA VAL A 361 33.61 27.32 -7.62
C VAL A 361 33.06 28.75 -7.78
N GLU A 362 33.36 29.60 -6.79
CA GLU A 362 32.87 30.98 -6.82
C GLU A 362 33.42 31.75 -8.04
N GLN A 363 34.68 31.50 -8.39
CA GLN A 363 35.36 32.12 -9.55
C GLN A 363 34.77 31.62 -10.89
N LYS A 364 34.47 30.33 -10.99
CA LYS A 364 33.83 29.78 -12.20
C LYS A 364 32.43 30.37 -12.39
N ILE A 365 31.70 30.50 -11.29
CA ILE A 365 30.33 31.07 -11.31
C ILE A 365 30.39 32.55 -11.74
N ALA A 366 31.34 33.29 -11.16
CA ALA A 366 31.56 34.71 -11.52
C ALA A 366 31.95 34.89 -12.99
N LYS A 367 32.68 33.93 -13.55
CA LYS A 367 33.03 33.95 -14.97
C LYS A 367 31.81 33.72 -15.89
N ILE A 368 30.96 32.77 -15.53
CA ILE A 368 29.73 32.48 -16.30
C ILE A 368 28.75 33.67 -16.21
N GLN A 369 28.65 34.26 -15.02
CA GLN A 369 27.81 35.45 -14.80
C GLN A 369 28.31 36.59 -15.64
N GLY A 370 29.63 36.76 -15.68
CA GLY A 370 30.30 37.79 -16.48
C GLY A 370 29.71 39.16 -16.19
N ASP A 371 29.37 39.90 -17.25
CA ASP A 371 28.70 41.19 -17.12
C ASP A 371 27.15 41.18 -17.17
N ASN A 372 26.52 40.01 -17.15
CA ASN A 372 25.04 39.94 -17.18
C ASN A 372 24.52 40.41 -15.81
N LYS A 373 23.53 41.28 -15.82
CA LYS A 373 22.89 41.77 -14.61
C LYS A 373 21.86 40.72 -14.13
N VAL A 374 21.78 40.53 -12.81
CA VAL A 374 20.75 39.67 -12.23
C VAL A 374 19.46 40.53 -12.15
N ALA A 375 18.40 40.09 -12.83
CA ALA A 375 17.08 40.71 -12.71
C ALA A 375 16.37 40.06 -11.51
N GLU A 376 16.06 40.83 -10.48
CA GLU A 376 15.27 40.37 -9.34
C GLU A 376 13.83 40.85 -9.61
N ASN A 377 13.01 39.95 -10.11
CA ASN A 377 11.61 40.25 -10.49
C ASN A 377 10.70 39.91 -9.35
N GLU A 378 9.91 40.89 -8.89
CA GLU A 378 9.06 40.72 -7.70
C GLU A 378 7.80 39.90 -7.89
N THR A 379 7.28 39.84 -9.11
CA THR A 379 6.04 39.15 -9.38
C THR A 379 6.28 37.66 -9.61
N PRO A 380 5.59 36.79 -8.85
CA PRO A 380 5.65 35.35 -9.12
C PRO A 380 5.19 35.05 -10.53
N ILE A 381 5.82 34.07 -11.18
CA ILE A 381 5.48 33.71 -12.57
C ILE A 381 4.15 32.95 -12.68
N ALA A 382 3.65 32.39 -11.57
CA ALA A 382 2.38 31.68 -11.57
C ALA A 382 1.74 31.76 -10.19
N LYS A 383 0.46 31.40 -10.08
CA LYS A 383 -0.28 31.38 -8.79
C LYS A 383 -0.97 30.04 -8.68
N GLU A 384 -0.68 29.27 -7.63
CA GLU A 384 -1.29 27.94 -7.47
C GLU A 384 -2.52 28.02 -6.54
N GLY B 1 17.03 -7.02 39.13
CA GLY B 1 16.54 -5.94 38.20
C GLY B 1 15.52 -6.43 37.19
N ALA B 2 15.94 -6.54 35.92
CA ALA B 2 15.10 -7.04 34.83
C ALA B 2 15.95 -7.43 33.61
N LYS B 3 15.51 -8.41 32.82
CA LYS B 3 16.14 -8.77 31.56
C LYS B 3 15.30 -8.10 30.46
N THR B 4 15.95 -7.40 29.52
CA THR B 4 15.24 -6.81 28.35
C THR B 4 15.76 -7.48 27.09
N TRP B 5 14.85 -7.84 26.21
CA TRP B 5 15.16 -8.34 24.86
C TRP B 5 14.58 -7.34 23.86
N VAL B 6 15.40 -6.90 22.91
CA VAL B 6 14.98 -5.96 21.88
C VAL B 6 14.61 -6.80 20.67
N LEU B 7 13.33 -6.94 20.44
CA LEU B 7 12.82 -7.73 19.32
C LEU B 7 12.91 -6.98 17.98
N THR B 8 12.72 -5.67 18.01
CA THR B 8 12.68 -4.86 16.80
C THR B 8 13.30 -3.51 17.13
N ASN B 9 14.18 -3.02 16.27
CA ASN B 9 14.77 -1.68 16.45
C ASN B 9 15.10 -1.11 15.10
N ALA B 10 14.23 -0.26 14.59
CA ALA B 10 14.38 0.30 13.24
C ALA B 10 15.61 1.19 13.16
N GLU B 11 15.98 1.87 14.24
CA GLU B 11 17.19 2.71 14.20
C GLU B 11 18.41 1.84 13.90
N GLU B 12 18.44 0.57 14.36
CA GLU B 12 19.55 -0.33 13.99
CA GLU B 12 19.55 -0.35 14.02
C GLU B 12 19.21 -1.28 12.82
N GLY B 13 18.03 -1.11 12.20
CA GLY B 13 17.56 -1.89 11.05
C GLY B 13 17.30 -3.36 11.37
N ILE B 14 16.94 -3.68 12.61
CA ILE B 14 16.87 -5.09 13.05
CA ILE B 14 16.86 -5.09 13.02
C ILE B 14 15.48 -5.54 13.52
N ASP B 15 15.13 -6.79 13.23
CA ASP B 15 13.88 -7.42 13.68
C ASP B 15 14.19 -8.91 13.84
N LYS B 16 13.99 -9.44 15.03
CA LYS B 16 14.23 -10.85 15.31
C LYS B 16 13.26 -11.81 14.64
N GLY B 17 12.08 -11.35 14.23
CA GLY B 17 11.08 -12.26 13.65
C GLY B 17 10.64 -13.33 14.67
N ASN B 18 10.73 -14.59 14.29
CA ASN B 18 10.36 -15.68 15.17
C ASN B 18 11.30 -15.74 16.37
N TRP B 19 10.72 -15.77 17.56
CA TRP B 19 11.50 -15.66 18.78
C TRP B 19 10.62 -16.12 19.92
N GLN B 20 11.26 -16.71 20.93
CA GLN B 20 10.57 -17.11 22.14
C GLN B 20 11.51 -17.24 23.33
N ILE B 21 11.01 -16.89 24.52
CA ILE B 21 11.64 -17.23 25.78
C ILE B 21 10.57 -17.87 26.66
N ASN B 22 11.02 -18.58 27.69
CA ASN B 22 10.10 -19.19 28.63
C ASN B 22 10.70 -19.24 30.02
N SER B 23 9.82 -19.42 31.00
CA SER B 23 10.19 -19.34 32.41
C SER B 23 11.17 -20.45 32.85
N ASP B 24 11.27 -21.56 32.12
CA ASP B 24 12.29 -22.60 32.44
C ASP B 24 13.73 -22.11 32.22
N GLN B 25 13.94 -21.35 31.13
CA GLN B 25 15.27 -20.78 30.77
C GLN B 25 15.75 -19.71 31.75
N LEU B 26 14.81 -18.95 32.31
CA LEU B 26 15.10 -18.00 33.40
C LEU B 26 15.25 -18.72 34.78
N LYS B 27 14.97 -20.04 34.84
CA LYS B 27 15.06 -20.85 36.06
C LYS B 27 14.10 -20.33 37.14
N VAL B 28 12.80 -20.40 36.86
CA VAL B 28 11.72 -19.93 37.76
C VAL B 28 10.54 -20.93 37.77
N LYS B 29 10.40 -21.72 38.84
CA LYS B 29 9.35 -22.75 38.94
C LYS B 29 8.09 -22.33 39.75
N ASP B 30 7.59 -21.10 39.51
CA ASP B 30 6.41 -20.53 40.21
C ASP B 30 5.07 -20.64 39.41
N HIS B 31 4.70 -19.59 38.64
CA HIS B 31 3.59 -19.56 37.64
C HIS B 31 4.27 -19.55 36.25
N ALA B 32 4.38 -20.71 35.59
CA ALA B 32 5.11 -20.83 34.31
C ALA B 32 4.54 -19.95 33.19
N PHE B 33 5.43 -19.47 32.33
CA PHE B 33 5.01 -18.63 31.23
C PHE B 33 5.98 -18.69 30.08
N SER B 34 5.52 -18.23 28.92
CA SER B 34 6.37 -18.05 27.77
C SER B 34 5.95 -16.76 27.07
N ILE B 35 6.88 -16.20 26.29
CA ILE B 35 6.64 -15.02 25.49
C ILE B 35 7.19 -15.37 24.13
N GLU B 36 6.38 -15.20 23.10
CA GLU B 36 6.72 -15.65 21.76
C GLU B 36 6.24 -14.67 20.71
N GLN B 37 7.15 -14.40 19.77
CA GLN B 37 6.85 -13.62 18.57
C GLN B 37 6.79 -14.62 17.42
N LYS B 38 5.77 -14.47 16.59
CA LYS B 38 5.54 -15.33 15.46
C LYS B 38 5.28 -14.46 14.22
N VAL B 39 5.99 -14.76 13.13
CA VAL B 39 5.73 -14.11 11.84
C VAL B 39 4.65 -14.93 11.10
N LEU B 40 3.55 -14.30 10.73
CA LEU B 40 2.43 -14.96 10.07
C LEU B 40 2.53 -14.88 8.56
N HIS B 41 1.86 -15.81 7.90
CA HIS B 41 1.78 -15.87 6.47
C HIS B 41 0.35 -16.14 5.98
N GLY B 42 0.18 -15.99 4.68
CA GLY B 42 -1.06 -16.30 3.97
C GLY B 42 -1.98 -15.10 3.83
N GLY B 43 -2.62 -14.97 2.69
CA GLY B 43 -3.56 -13.88 2.44
C GLY B 43 -2.95 -12.50 2.68
N LYS B 44 -3.74 -11.62 3.27
CA LYS B 44 -3.31 -10.24 3.58
C LYS B 44 -2.55 -10.17 4.90
N GLN B 45 -2.24 -11.32 5.46
CA GLN B 45 -1.57 -11.47 6.73
C GLN B 45 -0.07 -11.67 6.55
N GLU B 46 0.36 -11.74 5.30
CA GLU B 46 1.74 -12.03 4.94
C GLU B 46 2.66 -11.03 5.58
N GLY B 47 3.57 -11.52 6.41
CA GLY B 47 4.53 -10.68 7.10
C GLY B 47 4.05 -10.00 8.38
N SER B 48 2.79 -10.18 8.77
CA SER B 48 2.30 -9.64 10.02
C SER B 48 2.90 -10.44 11.17
N LYS B 49 3.19 -9.76 12.27
CA LYS B 49 3.71 -10.42 13.46
C LYS B 49 2.68 -10.41 14.55
N ILE B 50 2.67 -11.46 15.36
CA ILE B 50 1.95 -11.47 16.64
C ILE B 50 2.97 -11.76 17.74
N LEU B 51 2.71 -11.20 18.91
CA LEU B 51 3.52 -11.43 20.10
C LEU B 51 2.57 -11.85 21.20
N THR B 52 2.85 -12.99 21.84
CA THR B 52 1.99 -13.56 22.84
C THR B 52 2.67 -13.88 24.16
N ILE B 53 2.02 -13.48 25.25
CA ILE B 53 2.36 -13.96 26.59
C ILE B 53 1.43 -15.12 26.90
N HIS B 54 2.00 -16.32 27.12
CA HIS B 54 1.26 -17.50 27.56
CA HIS B 54 1.19 -17.45 27.61
C HIS B 54 1.56 -17.65 29.07
N SER B 55 0.56 -17.56 29.94
CA SER B 55 0.75 -17.70 31.40
C SER B 55 -0.05 -18.91 31.86
N LYS B 56 0.61 -19.84 32.56
CA LYS B 56 -0.07 -21.04 33.09
C LYS B 56 -1.03 -20.58 34.18
N ASP B 57 -2.30 -20.91 34.04
CA ASP B 57 -3.30 -20.53 35.04
C ASP B 57 -3.43 -19.00 35.20
N GLY B 58 -3.22 -18.29 34.11
CA GLY B 58 -3.37 -16.82 34.07
C GLY B 58 -3.96 -16.41 32.76
N LEU B 59 -3.54 -15.23 32.25
CA LEU B 59 -4.00 -14.73 30.97
C LEU B 59 -3.03 -15.12 29.85
N THR B 60 -3.59 -15.37 28.67
CA THR B 60 -2.83 -15.48 27.42
C THR B 60 -3.22 -14.21 26.67
N ILE B 61 -2.20 -13.39 26.39
CA ILE B 61 -2.37 -12.04 25.83
C ILE B 61 -1.67 -12.02 24.50
N THR B 62 -2.46 -11.80 23.44
CA THR B 62 -1.94 -11.72 22.11
C THR B 62 -2.08 -10.28 21.58
N LEU B 63 -0.96 -9.72 21.10
CA LEU B 63 -0.91 -8.40 20.48
C LEU B 63 -0.16 -8.47 19.15
N SER B 64 -0.35 -7.46 18.28
CA SER B 64 0.35 -7.44 17.02
C SER B 64 1.28 -6.20 16.88
N PRO B 65 2.60 -6.43 16.87
CA PRO B 65 3.49 -5.30 16.65
C PRO B 65 3.34 -4.63 15.28
N THR B 66 2.88 -5.39 14.29
CA THR B 66 2.65 -4.91 12.94
C THR B 66 1.47 -3.96 12.90
N ARG B 67 0.52 -4.16 13.82
CA ARG B 67 -0.66 -3.33 13.85
C ARG B 67 -0.65 -2.51 15.12
N GLY B 68 0.38 -1.68 15.25
CA GLY B 68 0.43 -0.65 16.29
C GLY B 68 0.48 -1.13 17.71
N MSE B 69 0.85 -2.38 17.90
CA MSE B 69 0.70 -3.00 19.25
C MSE B 69 -0.74 -3.13 19.74
O MSE B 69 -0.97 -3.25 20.94
CB MSE B 69 1.56 -2.30 20.32
CG MSE B 69 2.94 -1.99 19.86
SE MSE B 69 4.11 -3.50 19.63
CE MSE B 69 4.51 -3.98 21.47
N ASN B 70 -1.69 -3.20 18.79
CA ASN B 70 -3.11 -3.47 19.14
C ASN B 70 -3.21 -4.86 19.83
N LEU B 71 -4.11 -4.96 20.80
CA LEU B 71 -4.38 -6.20 21.53
C LEU B 71 -5.38 -7.01 20.72
N LEU B 72 -5.01 -8.21 20.32
CA LEU B 72 -5.90 -9.05 19.47
C LEU B 72 -6.93 -9.74 20.33
N ARG B 73 -6.46 -10.39 21.37
CA ARG B 73 -7.30 -11.08 22.33
C ARG B 73 -6.61 -11.41 23.65
N ILE B 74 -7.44 -11.57 24.67
CA ILE B 74 -7.05 -11.95 26.04
C ILE B 74 -7.91 -13.17 26.40
N GLU B 75 -7.27 -14.24 26.86
CA GLU B 75 -7.96 -15.50 27.22
C GLU B 75 -7.47 -16.01 28.56
N GLY B 76 -8.38 -16.59 29.33
CA GLY B 76 -8.02 -17.17 30.59
C GLY B 76 -9.23 -17.29 31.48
N PHE B 77 -9.09 -18.13 32.50
CA PHE B 77 -10.08 -18.26 33.54
C PHE B 77 -11.45 -18.65 33.00
N GLY B 78 -11.48 -19.43 31.92
CA GLY B 78 -12.73 -19.88 31.30
C GLY B 78 -13.47 -18.79 30.55
N SER B 79 -12.78 -17.70 30.25
CA SER B 79 -13.37 -16.55 29.59
C SER B 79 -12.40 -15.90 28.61
N ARG B 80 -12.82 -14.79 28.04
CA ARG B 80 -11.97 -13.97 27.16
C ARG B 80 -12.42 -12.53 27.04
N MSE B 81 -11.49 -11.67 26.61
CA MSE B 81 -11.79 -10.36 26.14
C MSE B 81 -11.48 -10.44 24.65
O MSE B 81 -10.32 -10.67 24.24
CB MSE B 81 -10.90 -9.30 26.80
CG MSE B 81 -10.87 -9.30 28.35
SE MSE B 81 -9.83 -7.77 28.92
CE MSE B 81 -9.62 -8.33 30.75
N GLY B 82 -12.49 -10.27 23.81
CA GLY B 82 -12.29 -10.35 22.36
C GLY B 82 -13.61 -10.61 21.71
N TRP B 83 -13.59 -10.67 20.39
CA TRP B 83 -14.79 -10.90 19.61
C TRP B 83 -14.45 -11.56 18.30
N ASP B 84 -15.47 -11.87 17.52
CA ASP B 84 -15.34 -12.64 16.32
C ASP B 84 -15.79 -11.84 15.10
N SER B 85 -14.85 -11.18 14.49
CA SER B 85 -15.09 -10.34 13.36
C SER B 85 -15.13 -11.20 12.12
N PRO B 86 -15.81 -10.76 11.06
CA PRO B 86 -15.66 -11.44 9.77
C PRO B 86 -14.21 -11.34 9.21
N VAL B 87 -13.41 -10.37 9.71
CA VAL B 87 -12.01 -10.23 9.33
C VAL B 87 -11.21 -11.17 10.23
N LYS B 88 -10.81 -12.31 9.68
CA LYS B 88 -10.13 -13.32 10.46
C LYS B 88 -8.60 -13.12 10.50
N GLU B 89 -8.06 -12.48 9.47
CA GLU B 89 -6.61 -12.33 9.32
C GLU B 89 -6.06 -11.15 10.09
N VAL B 90 -4.79 -11.26 10.46
CA VAL B 90 -4.06 -10.20 11.11
C VAL B 90 -3.46 -9.44 9.94
N VAL B 91 -4.20 -8.43 9.47
CA VAL B 91 -3.94 -7.83 8.18
C VAL B 91 -2.73 -6.89 8.20
N ASN B 92 -1.77 -7.15 7.31
CA ASN B 92 -0.59 -6.32 7.22
C ASN B 92 -1.07 -4.97 6.67
N PRO B 93 -0.74 -3.87 7.37
CA PRO B 93 -1.15 -2.54 6.85
C PRO B 93 -0.74 -2.21 5.41
N ALA B 94 0.25 -2.89 4.87
CA ALA B 94 0.61 -2.73 3.46
C ALA B 94 -0.55 -3.10 2.53
N PHE B 95 -1.48 -3.94 3.00
CA PHE B 95 -2.64 -4.35 2.20
C PHE B 95 -3.94 -3.60 2.56
N ILE B 96 -3.83 -2.47 3.25
CA ILE B 96 -5.02 -1.68 3.58
C ILE B 96 -4.85 -0.30 3.03
N ASN B 97 -5.87 0.19 2.34
CA ASN B 97 -5.86 1.56 1.88
C ASN B 97 -6.87 2.26 2.78
N LEU B 98 -6.39 3.07 3.72
CA LEU B 98 -7.27 3.69 4.72
C LEU B 98 -8.23 4.68 4.06
N GLU B 99 -7.81 5.25 2.94
CA GLU B 99 -8.64 6.20 2.18
CA GLU B 99 -8.64 6.20 2.20
C GLU B 99 -9.75 5.50 1.42
N SER B 100 -9.64 4.18 1.20
CA SER B 100 -10.66 3.50 0.37
C SER B 100 -12.04 3.48 1.06
N ARG B 101 -13.08 3.23 0.29
CA ARG B 101 -14.47 3.27 0.82
C ARG B 101 -14.77 4.62 1.52
N ASN B 102 -14.27 5.72 0.95
CA ASN B 102 -14.45 7.08 1.50
C ASN B 102 -14.02 7.16 2.96
N GLY B 103 -12.80 6.69 3.23
CA GLY B 103 -12.23 6.77 4.57
C GLY B 103 -12.58 5.64 5.53
N LEU B 104 -13.11 4.55 5.01
CA LEU B 104 -13.51 3.41 5.84
C LEU B 104 -12.67 2.14 5.57
N GLY B 105 -11.53 2.24 4.88
CA GLY B 105 -10.73 1.05 4.62
C GLY B 105 -10.21 0.39 5.89
N TRP B 106 -10.13 1.14 6.98
CA TRP B 106 -9.81 0.62 8.33
C TRP B 106 -10.70 -0.60 8.71
N LEU B 107 -11.96 -0.59 8.25
CA LEU B 107 -12.87 -1.72 8.47
C LEU B 107 -12.36 -3.04 7.87
N GLU B 108 -11.46 -2.96 6.89
CA GLU B 108 -10.91 -4.17 6.28
C GLU B 108 -9.92 -4.91 7.21
N GLY B 109 -9.50 -4.25 8.28
CA GLY B 109 -8.58 -4.87 9.22
C GLY B 109 -9.08 -5.01 10.64
N PHE B 110 -10.31 -4.59 10.92
CA PHE B 110 -10.80 -4.51 12.31
C PHE B 110 -11.30 -5.85 12.84
N ASN B 111 -10.54 -6.44 13.76
CA ASN B 111 -10.95 -7.63 14.50
C ASN B 111 -10.41 -7.71 15.95
N GLU B 112 -9.86 -6.62 16.46
CA GLU B 112 -9.07 -6.62 17.70
C GLU B 112 -9.89 -6.40 19.00
N MSE B 113 -9.33 -6.88 20.09
CA MSE B 113 -9.82 -6.57 21.43
C MSE B 113 -9.56 -5.14 21.83
O MSE B 113 -10.44 -4.51 22.43
CB MSE B 113 -9.24 -7.60 22.44
CG MSE B 113 -9.78 -7.44 23.85
SE MSE B 113 -8.59 -6.35 24.88
CE MSE B 113 -9.96 -5.20 25.56
N MSE B 114 -8.44 -4.55 21.41
CA MSE B 114 -8.14 -3.13 21.77
C MSE B 114 -7.33 -2.51 20.69
O MSE B 114 -6.19 -2.99 20.43
CB MSE B 114 -7.39 -3.03 23.13
CG MSE B 114 -7.55 -1.72 23.88
SE MSE B 114 -6.68 -0.25 23.02
CE MSE B 114 -4.90 -0.79 23.28
N VAL B 115 -7.89 -1.47 20.07
CA VAL B 115 -7.26 -0.68 19.03
C VAL B 115 -7.08 0.77 19.54
N ARG B 116 -5.87 1.28 19.45
CA ARG B 116 -5.64 2.69 19.73
C ARG B 116 -6.05 3.48 18.48
N CYS B 117 -7.14 4.21 18.61
CA CYS B 117 -7.73 5.05 17.58
C CYS B 117 -7.22 6.50 17.80
N GLY B 118 -6.11 6.78 17.14
CA GLY B 118 -5.34 7.98 17.34
C GLY B 118 -4.01 7.84 16.60
N TYR B 119 -2.98 8.67 16.90
CA TYR B 119 -3.06 9.79 17.83
C TYR B 119 -3.16 11.14 17.16
N GLU B 120 -2.72 11.25 15.90
CA GLU B 120 -2.79 12.54 15.20
C GLU B 120 -4.26 12.98 15.01
N TRP B 121 -5.14 12.02 14.77
CA TRP B 121 -6.59 12.28 14.83
C TRP B 121 -7.30 10.93 15.13
N THR B 122 -8.61 11.01 15.33
CA THR B 122 -9.44 9.85 15.57
C THR B 122 -10.83 10.08 15.00
N GLY B 123 -11.67 9.06 15.15
CA GLY B 123 -13.10 9.18 14.94
C GLY B 123 -13.54 8.89 13.53
N HIS B 124 -14.84 9.02 13.31
CA HIS B 124 -15.44 8.80 11.98
C HIS B 124 -14.79 9.68 10.92
N PRO B 125 -14.76 9.19 9.66
CA PRO B 125 -14.05 9.93 8.65
C PRO B 125 -14.78 11.17 8.17
N VAL B 126 -14.02 12.15 7.67
CA VAL B 126 -14.59 13.37 7.08
C VAL B 126 -13.57 13.95 6.08
N THR B 127 -14.04 14.63 5.05
CA THR B 127 -13.20 15.33 4.12
C THR B 127 -13.17 16.75 4.62
N ALA B 128 -12.00 17.20 5.04
CA ALA B 128 -11.86 18.53 5.67
C ALA B 128 -10.39 18.94 5.53
N ASP B 129 -10.10 20.23 5.60
CA ASP B 129 -8.75 20.73 5.25
C ASP B 129 -8.32 20.18 3.88
N GLY B 130 -9.28 20.02 2.98
CA GLY B 130 -9.04 19.48 1.63
C GLY B 130 -8.59 18.03 1.53
N GLN B 131 -8.60 17.30 2.63
CA GLN B 131 -8.12 15.90 2.66
C GLN B 131 -9.11 14.94 3.31
N ILE B 132 -8.87 13.63 3.20
CA ILE B 132 -9.67 12.63 3.93
C ILE B 132 -8.99 12.32 5.26
N TYR B 133 -9.69 12.59 6.35
CA TYR B 133 -9.29 12.16 7.68
C TYR B 133 -9.96 10.77 7.79
N THR B 134 -9.14 9.73 7.79
CA THR B 134 -9.61 8.38 7.70
C THR B 134 -10.02 7.86 9.08
N LEU B 135 -10.90 6.87 9.07
CA LEU B 135 -11.52 6.36 10.29
C LEU B 135 -10.50 5.95 11.31
N HIS B 136 -10.61 6.55 12.51
CA HIS B 136 -9.80 6.19 13.67
C HIS B 136 -8.27 6.34 13.57
N GLY B 137 -7.81 7.20 12.68
CA GLY B 137 -6.42 7.54 12.65
C GLY B 137 -5.53 6.41 12.19
N LYS B 138 -4.24 6.54 12.53
CA LYS B 138 -3.20 5.74 11.93
C LYS B 138 -2.47 4.82 12.87
N ALA B 139 -2.57 5.03 14.19
CA ALA B 139 -1.73 4.21 15.12
C ALA B 139 -1.95 2.72 14.98
N GLY B 140 -3.21 2.32 14.83
CA GLY B 140 -3.54 0.91 14.79
C GLY B 140 -3.07 0.20 13.52
N ASN B 141 -2.66 0.95 12.50
CA ASN B 141 -2.20 0.38 11.26
C ASN B 141 -0.75 0.84 10.96
N THR B 142 -0.02 1.12 12.03
CA THR B 142 1.39 1.50 11.91
C THR B 142 2.25 0.42 12.55
N PRO B 143 3.15 -0.20 11.77
CA PRO B 143 4.09 -1.13 12.42
C PRO B 143 5.01 -0.48 13.44
N ALA B 144 5.20 -1.14 14.59
CA ALA B 144 6.09 -0.56 15.63
C ALA B 144 7.55 -0.49 15.12
N SER B 145 8.23 0.58 15.49
CA SER B 145 9.61 0.82 15.15
C SER B 145 10.62 0.23 16.15
N LEU B 146 10.19 0.11 17.40
CA LEU B 146 10.97 -0.48 18.51
C LEU B 146 10.04 -1.34 19.32
N VAL B 147 10.45 -2.59 19.55
CA VAL B 147 9.68 -3.52 20.32
C VAL B 147 10.64 -4.15 21.31
N GLU B 148 10.30 -4.07 22.60
CA GLU B 148 11.11 -4.63 23.70
C GLU B 148 10.27 -5.43 24.65
N VAL B 149 10.80 -6.55 25.12
CA VAL B 149 10.14 -7.39 26.11
C VAL B 149 11.04 -7.36 27.34
N GLU B 150 10.48 -6.98 28.48
CA GLU B 150 11.23 -6.94 29.74
C GLU B 150 10.58 -7.92 30.73
N VAL B 151 11.37 -8.76 31.40
CA VAL B 151 10.87 -9.62 32.49
C VAL B 151 11.65 -9.34 33.77
N ALA B 152 10.94 -9.04 34.86
CA ALA B 152 11.54 -8.73 36.15
C ALA B 152 12.37 -9.90 36.65
N ASP B 153 13.53 -9.58 37.26
CA ASP B 153 14.41 -10.59 37.88
C ASP B 153 13.72 -11.27 39.07
N SER B 154 13.00 -10.49 39.86
CA SER B 154 12.43 -10.99 41.11
C SER B 154 10.92 -11.16 41.03
N ALA B 155 10.43 -12.10 41.85
CA ALA B 155 9.03 -12.42 41.99
C ALA B 155 8.25 -11.12 42.19
N PRO B 156 7.05 -11.01 41.59
CA PRO B 156 6.32 -12.02 40.79
C PRO B 156 6.60 -12.03 39.26
N TYR B 157 7.78 -11.59 38.83
CA TYR B 157 8.22 -11.71 37.44
C TYR B 157 7.35 -10.95 36.44
N GLU B 158 7.05 -9.71 36.77
CA GLU B 158 6.23 -8.86 35.93
C GLU B 158 6.86 -8.77 34.53
N ILE B 159 6.01 -8.82 33.50
CA ILE B 159 6.39 -8.71 32.10
C ILE B 159 5.92 -7.35 31.59
N ARG B 160 6.81 -6.60 30.91
CA ARG B 160 6.42 -5.36 30.24
C ARG B 160 6.76 -5.50 28.77
N ILE B 161 5.81 -5.13 27.92
CA ILE B 161 6.02 -5.20 26.45
C ILE B 161 5.80 -3.79 25.91
N ARG B 162 6.88 -3.20 25.39
CA ARG B 162 6.90 -1.83 24.88
C ARG B 162 7.03 -1.85 23.40
N GLY B 163 6.34 -0.91 22.77
CA GLY B 163 6.34 -0.75 21.32
C GLY B 163 6.20 0.72 20.98
N LEU B 164 7.16 1.24 20.19
CA LEU B 164 7.15 2.64 19.79
C LEU B 164 6.46 2.73 18.46
N VAL B 165 5.36 3.48 18.41
CA VAL B 165 4.56 3.64 17.19
C VAL B 165 4.66 5.11 16.75
N LYS B 166 5.22 5.35 15.56
CA LYS B 166 5.55 6.68 15.13
C LYS B 166 4.56 7.22 14.10
N GLU B 167 4.23 8.50 14.27
CA GLU B 167 3.42 9.28 13.31
C GLU B 167 4.22 10.53 12.97
N SER B 168 5.25 10.30 12.14
CA SER B 168 6.25 11.26 11.77
C SER B 168 6.09 11.60 10.31
N THR B 169 5.85 12.89 10.05
CA THR B 169 5.63 13.38 8.67
C THR B 169 6.28 14.74 8.49
N PHE B 170 7.09 14.92 7.44
CA PHE B 170 7.78 16.18 7.23
C PHE B 170 6.72 17.26 7.01
N LYS B 171 6.92 18.39 7.69
CA LYS B 171 6.03 19.57 7.64
C LYS B 171 4.71 19.43 8.37
N LYS B 172 4.40 18.27 8.93
CA LYS B 172 3.08 18.05 9.51
C LYS B 172 3.09 17.72 11.00
N ALA B 173 3.82 16.69 11.41
CA ALA B 173 3.78 16.23 12.83
C ALA B 173 4.92 15.28 13.11
N ASP B 174 5.27 15.19 14.39
CA ASP B 174 6.16 14.15 14.82
C ASP B 174 5.68 13.71 16.18
N LEU B 175 4.59 12.95 16.14
CA LEU B 175 3.98 12.32 17.29
C LEU B 175 4.42 10.87 17.33
N GLN B 176 4.85 10.42 18.51
CA GLN B 176 5.33 9.06 18.68
C GLN B 176 4.82 8.58 20.02
N THR B 177 4.27 7.38 20.03
CA THR B 177 3.74 6.77 21.23
C THR B 177 4.53 5.56 21.66
N LEU B 178 5.10 5.62 22.87
CA LEU B 178 5.76 4.48 23.47
C LEU B 178 4.66 3.73 24.21
N THR B 179 4.12 2.71 23.56
CA THR B 179 3.06 1.89 24.19
C THR B 179 3.70 0.92 25.19
N GLU B 180 2.99 0.57 26.26
CA GLU B 180 3.50 -0.45 27.18
C GLU B 180 2.35 -1.22 27.79
N LEU B 181 2.45 -2.55 27.75
CA LEU B 181 1.51 -3.45 28.42
C LEU B 181 2.30 -4.08 29.56
N ARG B 182 1.71 -4.11 30.74
CA ARG B 182 2.31 -4.75 31.90
C ARG B 182 1.41 -5.87 32.39
N TYR B 183 2.01 -7.03 32.70
CA TYR B 183 1.30 -8.21 33.15
C TYR B 183 2.14 -9.02 34.14
N VAL B 184 1.55 -9.33 35.30
CA VAL B 184 2.16 -10.20 36.32
C VAL B 184 1.64 -11.60 36.07
N PRO B 185 2.53 -12.57 35.76
CA PRO B 185 2.07 -13.94 35.48
C PRO B 185 1.13 -14.47 36.52
N GLY B 186 0.01 -15.05 36.08
CA GLY B 186 -1.01 -15.58 37.02
C GLY B 186 -2.11 -14.59 37.40
N SER B 187 -1.90 -13.28 37.17
CA SER B 187 -2.91 -12.28 37.50
C SER B 187 -4.10 -12.36 36.53
N ASN B 188 -5.26 -11.86 36.94
CA ASN B 188 -6.41 -11.72 36.02
C ASN B 188 -6.52 -10.30 35.42
N SER B 189 -5.52 -9.45 35.65
CA SER B 189 -5.50 -8.09 35.06
C SER B 189 -4.17 -7.80 34.38
N PHE B 190 -4.23 -6.86 33.46
CA PHE B 190 -3.06 -6.25 32.84
C PHE B 190 -3.32 -4.76 32.79
N SER B 191 -2.26 -3.98 32.55
CA SER B 191 -2.41 -2.54 32.47
C SER B 191 -1.65 -2.05 31.26
N LEU B 192 -2.15 -0.97 30.72
CA LEU B 192 -1.45 -0.19 29.73
C LEU B 192 -0.91 1.08 30.41
N HIS B 193 0.35 1.43 30.07
CA HIS B 193 0.99 2.70 30.45
CA HIS B 193 0.96 2.67 30.46
C HIS B 193 1.60 3.26 29.18
N ASP B 194 0.79 3.98 28.41
CA ASP B 194 1.26 4.54 27.12
C ASP B 194 1.71 6.01 27.31
N VAL B 195 2.75 6.40 26.60
CA VAL B 195 3.23 7.79 26.62
C VAL B 195 3.40 8.33 25.19
N LEU B 196 2.57 9.32 24.85
CA LEU B 196 2.59 10.02 23.59
C LEU B 196 3.52 11.20 23.80
N THR B 197 4.46 11.39 22.90
CA THR B 197 5.40 12.52 22.97
C THR B 197 5.32 13.30 21.66
N ASN B 198 5.28 14.63 21.79
CA ASN B 198 5.40 15.52 20.68
C ASN B 198 6.90 15.82 20.49
N HIS B 199 7.50 15.15 19.53
CA HIS B 199 8.94 15.37 19.21
C HIS B 199 9.25 16.60 18.33
N ALA B 200 8.21 17.28 17.84
CA ALA B 200 8.38 18.51 17.03
C ALA B 200 8.63 19.73 17.90
N ASP B 201 9.03 20.83 17.24
CA ASP B 201 9.23 22.11 17.86
C ASP B 201 7.99 23.00 17.90
N TYR B 202 6.85 22.49 17.44
CA TYR B 202 5.60 23.23 17.44
C TYR B 202 4.56 22.43 18.19
N PRO B 203 3.64 23.11 18.90
CA PRO B 203 2.52 22.36 19.52
C PRO B 203 1.75 21.63 18.45
N HIS B 204 1.16 20.49 18.78
CA HIS B 204 0.35 19.76 17.82
C HIS B 204 -0.87 19.15 18.49
N ASP B 205 -1.99 19.13 17.75
CA ASP B 205 -3.19 18.46 18.22
C ASP B 205 -2.97 16.95 18.36
N TYR B 206 -3.75 16.36 19.24
CA TYR B 206 -3.87 14.90 19.29
C TYR B 206 -5.25 14.52 19.81
N GLN B 207 -5.62 13.29 19.47
CA GLN B 207 -6.84 12.66 19.95
C GLN B 207 -6.55 11.19 20.15
N ILE B 208 -7.26 10.55 21.09
CA ILE B 208 -7.11 9.11 21.27
C ILE B 208 -8.38 8.50 21.89
N ILE B 209 -8.79 7.37 21.34
CA ILE B 209 -9.85 6.53 21.91
C ILE B 209 -9.23 5.14 22.06
N TYR B 210 -9.32 4.61 23.28
CA TYR B 210 -8.90 3.26 23.63
C TYR B 210 -10.09 2.31 23.36
N HIS B 211 -10.18 1.89 22.11
CA HIS B 211 -11.37 1.22 21.58
C HIS B 211 -11.33 -0.27 22.00
N SER B 212 -11.99 -0.59 23.12
CA SER B 212 -11.88 -1.89 23.79
C SER B 212 -13.17 -2.69 23.57
N ASN B 213 -13.02 -3.91 23.04
CA ASN B 213 -14.13 -4.64 22.42
C ASN B 213 -14.31 -6.02 22.99
N PHE B 214 -15.53 -6.30 23.44
CA PHE B 214 -15.91 -7.52 24.18
C PHE B 214 -17.14 -8.23 23.56
N GLY B 215 -16.99 -9.52 23.30
CA GLY B 215 -18.06 -10.37 22.79
C GLY B 215 -18.38 -11.51 23.76
N THR B 216 -18.88 -12.62 23.22
CA THR B 216 -19.18 -13.77 24.07
C THR B 216 -17.85 -14.27 24.65
N PRO B 217 -17.87 -14.94 25.82
CA PRO B 217 -19.01 -15.31 26.66
C PRO B 217 -19.45 -14.23 27.66
N ILE B 218 -18.92 -13.02 27.61
CA ILE B 218 -19.36 -11.96 28.52
C ILE B 218 -20.64 -11.32 27.94
N LEU B 219 -20.63 -10.95 26.66
CA LEU B 219 -21.79 -10.33 26.02
C LEU B 219 -22.82 -11.41 25.71
N GLU B 220 -24.06 -11.09 26.01
CA GLU B 220 -25.20 -11.96 25.81
C GLU B 220 -26.46 -11.20 26.11
N GLU B 221 -27.59 -11.75 25.73
CA GLU B 221 -28.83 -11.15 26.12
C GLU B 221 -28.85 -11.01 27.66
N GLY B 222 -29.16 -9.83 28.15
CA GLY B 222 -29.21 -9.54 29.58
C GLY B 222 -27.88 -9.17 30.23
N ALA B 223 -26.80 -9.18 29.45
CA ALA B 223 -25.53 -8.65 29.92
C ALA B 223 -25.80 -7.21 30.26
N ARG B 224 -24.98 -6.66 31.12
CA ARG B 224 -25.12 -5.27 31.52
C ARG B 224 -23.84 -4.46 31.34
N PHE B 225 -24.02 -3.16 31.12
CA PHE B 225 -22.94 -2.21 31.10
C PHE B 225 -23.04 -1.42 32.42
N LEU B 226 -21.92 -1.37 33.15
CA LEU B 226 -21.81 -0.71 34.47
C LEU B 226 -20.82 0.45 34.38
N ALA B 227 -21.23 1.62 34.84
CA ALA B 227 -20.34 2.78 34.88
C ALA B 227 -20.96 3.85 35.78
N PRO B 228 -20.13 4.68 36.43
CA PRO B 228 -20.60 5.83 37.20
C PRO B 228 -20.64 7.00 36.23
N ILE B 229 -21.84 7.52 36.01
CA ILE B 229 -21.99 8.58 35.01
CA ILE B 229 -22.16 8.48 34.94
C ILE B 229 -22.81 9.77 35.47
N SER B 230 -22.40 10.94 34.96
CA SER B 230 -23.14 12.14 35.29
C SER B 230 -24.12 12.37 34.15
N SER B 231 -23.73 12.09 32.90
CA SER B 231 -24.70 12.17 31.79
C SER B 231 -24.39 11.19 30.67
N ILE B 232 -25.45 10.80 29.97
CA ILE B 232 -25.39 9.91 28.82
C ILE B 232 -26.38 10.42 27.77
N SER B 233 -25.95 10.40 26.51
CA SER B 233 -26.79 10.84 25.40
C SER B 233 -26.55 9.97 24.17
N PRO B 234 -27.57 9.82 23.29
CA PRO B 234 -27.35 9.02 22.08
C PRO B 234 -26.43 9.74 21.11
N PHE B 235 -25.62 8.96 20.40
CA PHE B 235 -24.69 9.51 19.41
C PHE B 235 -25.45 10.19 18.28
N ASN B 236 -26.58 9.58 17.88
CA ASN B 236 -27.41 10.10 16.80
C ASN B 236 -28.88 9.77 17.07
N ASP B 237 -29.77 10.16 16.17
CA ASP B 237 -31.22 9.91 16.38
C ASP B 237 -31.57 8.42 16.49
N TYR B 238 -30.89 7.56 15.73
CA TYR B 238 -31.17 6.13 15.76
C TYR B 238 -30.96 5.52 17.15
N ALA B 239 -29.97 6.00 17.89
CA ALA B 239 -29.71 5.52 19.27
C ALA B 239 -30.68 6.04 20.35
N LYS B 240 -31.51 7.05 20.01
CA LYS B 240 -32.47 7.60 21.00
C LYS B 240 -33.32 6.49 21.60
N SER B 241 -33.80 5.57 20.77
CA SER B 241 -34.71 4.51 21.26
C SER B 241 -34.05 3.55 22.27
N GLY B 242 -32.70 3.44 22.24
CA GLY B 242 -31.98 2.63 23.22
C GLY B 242 -31.53 3.36 24.50
N LEU B 243 -31.79 4.67 24.62
CA LEU B 243 -31.28 5.45 25.77
C LEU B 243 -31.73 4.94 27.12
N LYS B 244 -33.03 4.68 27.27
CA LYS B 244 -33.60 4.19 28.55
C LYS B 244 -33.01 2.89 29.02
N THR B 245 -32.66 2.01 28.08
CA THR B 245 -32.08 0.73 28.42
C THR B 245 -30.56 0.74 28.14
N TRP B 246 -29.88 1.88 28.34
CA TRP B 246 -28.43 1.95 28.06
C TRP B 246 -27.63 0.87 28.77
N GLN B 247 -28.08 0.51 29.97
CA GLN B 247 -27.35 -0.41 30.80
C GLN B 247 -27.56 -1.88 30.49
N THR B 248 -28.46 -2.24 29.56
CA THR B 248 -28.76 -3.65 29.27
C THR B 248 -28.55 -3.95 27.80
N TYR B 249 -27.97 -5.11 27.53
CA TYR B 249 -27.69 -5.54 26.17
C TYR B 249 -28.75 -6.53 25.67
N GLN B 250 -29.10 -6.41 24.39
CA GLN B 250 -29.97 -7.37 23.70
C GLN B 250 -29.09 -8.55 23.25
N GLY B 251 -29.73 -9.67 22.96
CA GLY B 251 -29.05 -10.79 22.33
C GLY B 251 -28.74 -10.47 20.86
N PRO B 252 -28.15 -11.41 20.11
CA PRO B 252 -27.81 -11.13 18.69
C PRO B 252 -29.05 -10.77 17.86
N THR B 253 -29.10 -9.57 17.29
CA THR B 253 -30.34 -9.05 16.70
C THR B 253 -30.14 -8.63 15.25
N LYS B 254 -30.88 -9.27 14.35
CA LYS B 254 -30.80 -8.94 12.94
C LYS B 254 -31.35 -7.51 12.75
N ASP B 255 -30.67 -6.75 11.89
CA ASP B 255 -31.06 -5.37 11.53
C ASP B 255 -30.85 -4.31 12.62
N PHE B 256 -30.08 -4.65 13.63
CA PHE B 256 -29.77 -3.70 14.68
C PHE B 256 -28.72 -2.66 14.28
N ASP B 257 -27.69 -3.14 13.57
CA ASP B 257 -26.47 -2.40 13.23
C ASP B 257 -25.74 -2.04 14.51
N GLU B 258 -25.95 -0.82 15.03
CA GLU B 258 -25.34 -0.42 16.30
C GLU B 258 -26.09 0.74 16.94
N MSE B 259 -25.97 0.88 18.25
CA MSE B 259 -26.38 2.11 18.93
C MSE B 259 -25.18 2.59 19.78
O MSE B 259 -24.54 1.82 20.48
CB MSE B 259 -27.64 1.92 19.76
CG MSE B 259 -28.87 1.72 18.91
SE MSE B 259 -30.45 1.63 19.94
CE MSE B 259 -31.65 0.93 18.48
N VAL B 260 -24.87 3.88 19.67
CA VAL B 260 -23.71 4.46 20.37
C VAL B 260 -24.16 5.51 21.34
N PHE B 261 -23.56 5.52 22.54
CA PHE B 261 -23.87 6.50 23.53
C PHE B 261 -22.61 7.26 23.98
N ASN B 262 -22.75 8.58 24.10
CA ASN B 262 -21.70 9.47 24.61
C ASN B 262 -21.91 9.70 26.09
N ILE B 263 -20.89 9.37 26.89
CA ILE B 263 -20.98 9.42 28.33
C ILE B 263 -19.98 10.38 28.91
N GLN B 264 -20.44 11.16 29.90
CA GLN B 264 -19.58 11.99 30.75
CA GLN B 264 -19.59 12.00 30.76
C GLN B 264 -19.45 11.22 32.07
N PRO B 265 -18.30 10.56 32.29
CA PRO B 265 -18.16 9.76 33.50
C PRO B 265 -17.92 10.56 34.77
N LEU B 266 -18.30 9.98 35.90
CA LEU B 266 -17.94 10.44 37.22
C LEU B 266 -16.67 9.69 37.63
N ALA B 267 -15.84 10.32 38.45
CA ALA B 267 -14.64 9.69 39.00
C ALA B 267 -14.63 9.82 40.51
N ASP B 268 -13.78 9.02 41.15
CA ASP B 268 -13.55 9.10 42.57
C ASP B 268 -12.74 10.37 42.84
N GLU B 269 -12.37 10.58 44.11
CA GLU B 269 -11.61 11.77 44.56
C GLU B 269 -10.22 11.90 43.92
N ASN B 270 -9.68 10.80 43.41
CA ASN B 270 -8.37 10.79 42.78
C ASN B 270 -8.42 10.61 41.27
N HIS B 271 -9.57 10.99 40.69
CA HIS B 271 -9.80 11.00 39.27
C HIS B 271 -9.81 9.63 38.59
N GLN B 272 -10.00 8.56 39.34
CA GLN B 272 -10.08 7.26 38.76
C GLN B 272 -11.56 6.93 38.57
N THR B 273 -11.85 6.24 37.48
CA THR B 273 -13.18 5.72 37.23
C THR B 273 -13.06 4.29 36.73
N LEU B 274 -14.20 3.62 36.60
CA LEU B 274 -14.25 2.22 36.25
C LEU B 274 -15.51 2.00 35.39
N ALA B 275 -15.38 1.26 34.30
CA ALA B 275 -16.48 0.86 33.48
C ALA B 275 -16.34 -0.64 33.27
N ALA B 276 -17.47 -1.33 33.10
CA ALA B 276 -17.45 -2.79 32.93
C ALA B 276 -18.61 -3.31 32.14
N VAL B 277 -18.41 -4.48 31.54
CA VAL B 277 -19.46 -5.28 30.93
C VAL B 277 -19.44 -6.61 31.65
N VAL B 278 -20.62 -7.08 32.05
CA VAL B 278 -20.79 -8.31 32.81
C VAL B 278 -21.92 -9.11 32.19
N ASN B 279 -21.84 -10.42 32.33
CA ASN B 279 -22.84 -11.32 31.79
C ASN B 279 -24.15 -11.26 32.63
N LYS B 280 -25.21 -11.90 32.13
CA LYS B 280 -26.53 -11.86 32.77
C LYS B 280 -26.49 -12.42 34.17
N ALA B 281 -25.79 -13.54 34.36
CA ALA B 281 -25.70 -14.18 35.69
C ALA B 281 -24.88 -13.35 36.69
N GLY B 282 -23.98 -12.51 36.19
CA GLY B 282 -23.10 -11.70 37.05
C GLY B 282 -21.89 -12.47 37.60
N ASP B 283 -21.43 -13.45 36.85
CA ASP B 283 -20.25 -14.23 37.23
C ASP B 283 -19.10 -14.19 36.22
N LYS B 284 -19.26 -13.44 35.12
CA LYS B 284 -18.20 -13.18 34.15
C LYS B 284 -18.30 -11.71 33.74
N GLY B 285 -17.15 -11.09 33.54
CA GLY B 285 -17.13 -9.71 33.05
C GLY B 285 -15.74 -9.24 32.72
N ALA B 286 -15.63 -7.97 32.37
CA ALA B 286 -14.37 -7.31 32.10
C ALA B 286 -14.55 -5.87 32.58
N SER B 287 -13.57 -5.31 33.29
CA SER B 287 -13.61 -3.93 33.77
C SER B 287 -12.38 -3.19 33.23
N ILE B 288 -12.57 -1.89 32.99
CA ILE B 288 -11.52 -0.99 32.57
C ILE B 288 -11.49 0.20 33.57
N GLN B 289 -10.33 0.40 34.19
CA GLN B 289 -10.10 1.52 35.03
C GLN B 289 -9.29 2.51 34.21
N PHE B 290 -9.67 3.78 34.28
CA PHE B 290 -8.96 4.87 33.60
C PHE B 290 -9.02 6.16 34.43
N ASP B 291 -8.16 7.11 34.05
CA ASP B 291 -7.94 8.36 34.76
C ASP B 291 -8.61 9.45 33.92
N THR B 292 -9.59 10.15 34.50
CA THR B 292 -10.40 11.13 33.76
C THR B 292 -9.63 12.43 33.46
N ARG B 293 -8.45 12.63 34.03
CA ARG B 293 -7.59 13.75 33.58
C ARG B 293 -6.93 13.42 32.23
N GLN B 294 -6.72 12.14 31.96
CA GLN B 294 -6.07 11.67 30.73
C GLN B 294 -7.09 11.40 29.64
N LEU B 295 -8.21 10.77 30.02
CA LEU B 295 -9.26 10.31 29.13
C LEU B 295 -10.58 10.78 29.73
N PRO B 296 -10.96 12.05 29.45
CA PRO B 296 -12.16 12.59 30.13
C PRO B 296 -13.53 12.10 29.69
N VAL B 297 -13.66 11.43 28.54
CA VAL B 297 -14.95 11.00 28.09
C VAL B 297 -14.94 9.52 27.78
N LEU B 298 -16.14 8.99 27.53
CA LEU B 298 -16.32 7.55 27.36
C LEU B 298 -17.40 7.31 26.33
N THR B 299 -17.10 6.44 25.38
CA THR B 299 -18.09 6.01 24.38
C THR B 299 -18.52 4.57 24.70
N LEU B 300 -19.83 4.31 24.63
CA LEU B 300 -20.43 2.97 24.73
C LEU B 300 -20.94 2.58 23.33
N TRP B 301 -20.34 1.55 22.75
CA TRP B 301 -20.68 1.07 21.40
C TRP B 301 -21.42 -0.23 21.63
N LYS B 302 -22.72 -0.25 21.31
CA LYS B 302 -23.57 -1.45 21.45
C LYS B 302 -23.83 -2.00 20.07
N ASN B 303 -23.00 -2.95 19.64
CA ASN B 303 -23.08 -3.55 18.31
C ASN B 303 -23.66 -4.94 18.42
N THR B 304 -24.90 -5.00 18.92
CA THR B 304 -25.58 -6.26 19.17
C THR B 304 -26.37 -6.73 17.94
N ASP B 305 -25.66 -6.91 16.83
CA ASP B 305 -26.22 -7.39 15.58
C ASP B 305 -26.00 -8.92 15.57
N THR B 306 -26.00 -9.59 14.41
CA THR B 306 -25.94 -11.06 14.40
C THR B 306 -24.53 -11.53 14.75
N VAL B 307 -24.39 -12.82 15.06
CA VAL B 307 -23.09 -13.34 15.44
C VAL B 307 -22.10 -13.23 14.27
N LYS B 308 -22.56 -13.40 13.03
CA LYS B 308 -21.67 -13.28 11.88
C LYS B 308 -21.36 -11.83 11.51
N GLN B 309 -22.35 -10.94 11.60
CA GLN B 309 -22.13 -9.52 11.33
C GLN B 309 -21.15 -8.90 12.34
N GLY B 310 -21.26 -9.34 13.59
CA GLY B 310 -20.41 -8.86 14.70
C GLY B 310 -21.29 -8.60 15.91
N TYR B 311 -21.08 -9.35 16.98
CA TYR B 311 -21.92 -9.26 18.18
C TYR B 311 -20.89 -8.85 19.22
N VAL B 312 -20.84 -7.57 19.51
CA VAL B 312 -19.76 -7.01 20.26
C VAL B 312 -20.16 -5.70 20.88
N THR B 313 -19.50 -5.37 21.97
CA THR B 313 -19.66 -4.05 22.58
C THR B 313 -18.30 -3.45 22.79
N GLY B 314 -18.24 -2.13 22.59
CA GLY B 314 -17.06 -1.33 22.82
C GLY B 314 -17.24 -0.46 24.04
N ILE B 315 -16.26 -0.50 24.95
CA ILE B 315 -16.17 0.41 26.09
C ILE B 315 -14.92 1.21 25.71
N GLU B 316 -15.11 2.50 25.44
CA GLU B 316 -14.10 3.30 24.74
C GLU B 316 -13.75 4.61 25.44
N PRO B 317 -12.92 4.53 26.45
CA PRO B 317 -12.44 5.79 27.08
C PRO B 317 -11.60 6.57 26.09
N GLY B 318 -11.71 7.90 26.11
CA GLY B 318 -10.98 8.71 25.19
C GLY B 318 -10.91 10.16 25.57
N THR B 319 -10.14 10.89 24.76
CA THR B 319 -10.12 12.36 24.79
C THR B 319 -11.25 12.90 23.95
N SER B 320 -11.75 12.04 23.06
CA SER B 320 -12.78 12.39 22.12
C SER B 320 -13.87 11.34 22.06
N TYR B 321 -15.01 11.81 21.57
CA TYR B 321 -16.06 10.94 21.11
C TYR B 321 -15.68 10.61 19.65
N ALA B 322 -16.45 9.72 19.04
CA ALA B 322 -16.17 9.19 17.71
C ALA B 322 -16.71 10.05 16.55
N TYR B 323 -17.19 11.26 16.84
CA TYR B 323 -17.53 12.19 15.79
C TYR B 323 -16.26 12.55 15.00
N PRO B 324 -16.42 13.01 13.77
CA PRO B 324 -15.23 13.38 12.99
C PRO B 324 -14.45 14.58 13.59
N VAL B 325 -13.20 14.71 13.15
CA VAL B 325 -12.31 15.69 13.72
C VAL B 325 -12.84 17.12 13.68
N THR B 326 -13.64 17.46 12.67
CA THR B 326 -14.22 18.80 12.58
C THR B 326 -15.13 19.12 13.77
N ILE B 327 -15.91 18.13 14.19
CA ILE B 327 -16.83 18.29 15.33
C ILE B 327 -16.04 18.33 16.63
N GLU B 328 -15.07 17.43 16.78
CA GLU B 328 -14.24 17.38 18.00
C GLU B 328 -13.43 18.66 18.24
N ARG B 329 -12.98 19.27 17.16
CA ARG B 329 -12.33 20.58 17.22
C ARG B 329 -13.33 21.66 17.61
N LYS B 330 -14.47 21.70 16.92
CA LYS B 330 -15.50 22.73 17.15
C LYS B 330 -15.95 22.70 18.60
N GLN B 331 -16.11 21.49 19.14
CA GLN B 331 -16.61 21.29 20.51
C GLN B 331 -15.50 21.22 21.56
N LYS B 332 -14.28 21.56 21.16
CA LYS B 332 -13.12 21.78 22.05
C LYS B 332 -12.65 20.56 22.84
N ARG B 333 -12.79 19.38 22.27
CA ARG B 333 -12.25 18.14 22.84
C ARG B 333 -10.89 17.74 22.30
N VAL B 334 -10.50 18.24 21.13
CA VAL B 334 -9.15 17.96 20.60
C VAL B 334 -8.09 18.56 21.55
N LYS B 335 -7.14 17.74 21.97
CA LYS B 335 -6.09 18.17 22.92
C LYS B 335 -4.87 18.67 22.14
N GLN B 336 -3.97 19.35 22.84
CA GLN B 336 -2.73 19.88 22.26
CA GLN B 336 -2.73 19.82 22.23
C GLN B 336 -1.57 19.48 23.16
N LEU B 337 -0.45 19.08 22.54
CA LEU B 337 0.75 18.69 23.26
C LEU B 337 1.85 19.70 22.93
N GLN B 338 2.45 20.30 23.95
CA GLN B 338 3.52 21.28 23.73
C GLN B 338 4.72 20.61 23.10
N PRO B 339 5.57 21.39 22.44
CA PRO B 339 6.75 20.80 21.84
C PRO B 339 7.65 20.12 22.89
N GLY B 340 8.01 18.88 22.64
CA GLY B 340 8.83 18.10 23.57
C GLY B 340 8.06 17.49 24.74
N ALA B 341 6.76 17.81 24.89
CA ALA B 341 5.95 17.35 26.05
C ALA B 341 5.33 15.99 25.73
N SER B 342 4.93 15.30 26.81
CA SER B 342 4.39 13.95 26.78
C SER B 342 3.03 13.90 27.49
N ALA B 343 2.14 13.05 27.00
CA ALA B 343 0.84 12.76 27.64
C ALA B 343 0.84 11.28 28.00
N GLN B 344 0.39 10.96 29.20
CA GLN B 344 0.34 9.59 29.72
C GLN B 344 -1.10 9.06 29.66
N PHE B 345 -1.20 7.75 29.43
CA PHE B 345 -2.50 7.06 29.41
C PHE B 345 -2.32 5.78 30.21
N ASP B 346 -2.95 5.73 31.38
CA ASP B 346 -2.89 4.60 32.26
C ASP B 346 -4.27 3.94 32.35
N LEU B 347 -4.31 2.66 31.98
CA LEU B 347 -5.54 1.88 32.02
C LEU B 347 -5.29 0.48 32.60
N THR B 348 -6.23 -0.02 33.40
CA THR B 348 -6.15 -1.38 33.95
C THR B 348 -7.40 -2.17 33.52
N TYR B 349 -7.14 -3.30 32.86
CA TYR B 349 -8.15 -4.21 32.35
C TYR B 349 -8.16 -5.44 33.27
N THR B 350 -9.34 -5.85 33.76
CA THR B 350 -9.46 -7.03 34.62
C THR B 350 -10.50 -7.96 34.03
N LEU B 351 -10.15 -9.25 33.94
CA LEU B 351 -11.05 -10.30 33.52
C LEU B 351 -11.69 -10.84 34.80
N LEU B 352 -12.97 -10.56 34.93
CA LEU B 352 -13.73 -10.87 36.13
C LEU B 352 -14.27 -12.28 35.91
N HIS B 353 -13.93 -13.22 36.78
CA HIS B 353 -14.25 -14.63 36.52
C HIS B 353 -15.05 -15.36 37.61
N ASP B 354 -15.61 -14.61 38.55
CA ASP B 354 -16.59 -15.15 39.48
C ASP B 354 -17.51 -14.05 39.98
N SER B 355 -18.57 -14.46 40.66
CA SER B 355 -19.56 -13.55 41.18
C SER B 355 -18.99 -12.51 42.13
N ALA B 356 -18.08 -12.91 43.01
CA ALA B 356 -17.46 -12.00 44.01
C ALA B 356 -16.69 -10.87 43.31
N GLN B 357 -15.93 -11.21 42.29
CA GLN B 357 -15.21 -10.19 41.52
C GLN B 357 -16.16 -9.20 40.83
N VAL B 358 -17.22 -9.71 40.19
CA VAL B 358 -18.22 -8.84 39.55
C VAL B 358 -18.89 -7.96 40.62
N ALA B 359 -19.29 -8.58 41.75
CA ALA B 359 -19.90 -7.82 42.87
C ALA B 359 -19.02 -6.64 43.34
N ALA B 360 -17.72 -6.88 43.51
CA ALA B 360 -16.75 -5.85 43.96
C ALA B 360 -16.66 -4.68 42.97
N VAL B 361 -16.63 -5.00 41.69
CA VAL B 361 -16.66 -3.96 40.66
C VAL B 361 -17.98 -3.18 40.74
N GLU B 362 -19.08 -3.91 40.83
CA GLU B 362 -20.37 -3.26 40.87
C GLU B 362 -20.50 -2.35 42.12
N GLN B 363 -19.96 -2.81 43.26
CA GLN B 363 -19.93 -2.00 44.50
C GLN B 363 -19.11 -0.73 44.36
N LYS B 364 -17.91 -0.84 43.76
CA LYS B 364 -17.06 0.36 43.57
C LYS B 364 -17.79 1.39 42.70
N ILE B 365 -18.39 0.93 41.61
CA ILE B 365 -19.12 1.81 40.70
C ILE B 365 -20.25 2.53 41.43
N ALA B 366 -21.02 1.79 42.24
CA ALA B 366 -22.09 2.38 43.09
C ALA B 366 -21.56 3.44 44.04
N LYS B 367 -20.40 3.18 44.62
CA LYS B 367 -19.78 4.13 45.54
C LYS B 367 -19.41 5.43 44.82
N ILE B 368 -18.88 5.33 43.61
CA ILE B 368 -18.53 6.53 42.84
C ILE B 368 -19.82 7.24 42.38
N GLN B 369 -20.84 6.47 41.99
CA GLN B 369 -22.11 7.05 41.56
C GLN B 369 -22.69 7.86 42.71
N GLY B 370 -22.58 7.32 43.91
CA GLY B 370 -23.10 7.96 45.13
C GLY B 370 -24.58 8.31 44.95
N ASP B 371 -24.93 9.52 45.39
CA ASP B 371 -26.27 10.08 45.21
C ASP B 371 -26.41 10.92 43.95
N ASN B 372 -25.39 10.95 43.08
CA ASN B 372 -25.50 11.70 41.83
C ASN B 372 -26.51 10.97 40.92
N LYS B 373 -27.47 11.73 40.37
CA LYS B 373 -28.47 11.18 39.45
C LYS B 373 -27.83 11.13 38.03
N VAL B 374 -28.06 10.04 37.31
CA VAL B 374 -27.63 9.93 35.90
C VAL B 374 -28.57 10.80 35.05
N ALA B 375 -28.05 11.81 34.36
CA ALA B 375 -28.90 12.60 33.46
C ALA B 375 -28.94 11.87 32.11
N GLU B 376 -30.12 11.41 31.71
CA GLU B 376 -30.28 10.80 30.39
C GLU B 376 -30.79 11.91 29.49
N ASN B 377 -29.96 12.33 28.56
CA ASN B 377 -30.29 13.46 27.68
C ASN B 377 -30.54 12.92 26.27
N GLU B 378 -31.73 13.15 25.73
CA GLU B 378 -32.12 12.59 24.44
C GLU B 378 -31.50 13.25 23.25
N THR B 379 -31.05 14.50 23.38
CA THR B 379 -30.55 15.26 22.25
C THR B 379 -29.08 14.86 22.04
N PRO B 380 -28.72 14.46 20.81
CA PRO B 380 -27.30 14.19 20.57
C PRO B 380 -26.48 15.45 20.73
N ILE B 381 -25.27 15.32 21.24
CA ILE B 381 -24.42 16.51 21.40
C ILE B 381 -23.93 17.07 20.06
N ALA B 382 -23.96 16.27 18.98
CA ALA B 382 -23.52 16.74 17.67
C ALA B 382 -24.26 15.98 16.58
N LYS B 383 -24.21 16.49 15.35
CA LYS B 383 -24.79 15.82 14.16
C LYS B 383 -23.70 15.77 13.11
N GLU B 384 -23.35 14.59 12.61
CA GLU B 384 -22.31 14.53 11.57
C GLU B 384 -22.88 14.77 10.17
N GLY C 1 -7.15 -43.07 -5.01
CA GLY C 1 -6.77 -42.08 -3.96
C GLY C 1 -6.26 -40.78 -4.53
N ALA C 2 -6.06 -39.78 -3.69
CA ALA C 2 -5.54 -38.49 -4.13
C ALA C 2 -4.61 -37.88 -3.08
N LYS C 3 -3.56 -37.21 -3.54
CA LYS C 3 -2.62 -36.54 -2.65
C LYS C 3 -2.91 -35.03 -2.63
N THR C 4 -3.00 -34.45 -1.43
CA THR C 4 -3.16 -32.98 -1.29
C THR C 4 -1.99 -32.32 -0.51
N TRP C 5 -1.56 -31.17 -1.01
CA TRP C 5 -0.51 -30.32 -0.37
C TRP C 5 -1.14 -28.96 -0.07
N VAL C 6 -1.04 -28.50 1.18
CA VAL C 6 -1.54 -27.16 1.54
C VAL C 6 -0.35 -26.19 1.47
N LEU C 7 -0.32 -25.35 0.43
CA LEU C 7 0.79 -24.43 0.17
C LEU C 7 0.65 -23.17 0.98
N THR C 8 -0.59 -22.78 1.29
CA THR C 8 -0.86 -21.54 2.01
C THR C 8 -2.15 -21.77 2.82
N ASN C 9 -2.09 -21.42 4.10
CA ASN C 9 -3.24 -21.46 4.98
C ASN C 9 -3.13 -20.34 6.01
N ALA C 10 -3.76 -19.20 5.73
CA ALA C 10 -3.74 -18.05 6.66
C ALA C 10 -4.32 -18.37 8.03
N GLU C 11 -5.31 -19.26 8.11
CA GLU C 11 -5.88 -19.71 9.39
C GLU C 11 -4.80 -20.28 10.31
N GLU C 12 -3.82 -21.01 9.75
CA GLU C 12 -2.71 -21.57 10.54
C GLU C 12 -1.47 -20.69 10.49
N GLY C 13 -1.51 -19.59 9.74
CA GLY C 13 -0.38 -18.72 9.57
C GLY C 13 0.76 -19.27 8.74
N ILE C 14 0.49 -20.20 7.86
CA ILE C 14 1.57 -20.85 7.09
C ILE C 14 1.57 -20.54 5.59
N ASP C 15 2.76 -20.52 4.97
CA ASP C 15 2.91 -20.46 3.51
C ASP C 15 4.19 -21.22 3.21
N LYS C 16 4.15 -22.15 2.28
CA LYS C 16 5.33 -22.95 1.92
C LYS C 16 6.38 -22.18 1.13
N GLY C 17 6.00 -21.10 0.45
CA GLY C 17 6.96 -20.35 -0.35
C GLY C 17 7.39 -21.19 -1.53
N ASN C 18 8.70 -21.33 -1.73
CA ASN C 18 9.23 -22.11 -2.84
C ASN C 18 8.95 -23.59 -2.58
N TRP C 19 8.35 -24.26 -3.57
CA TRP C 19 7.89 -25.64 -3.38
C TRP C 19 7.71 -26.32 -4.71
N GLN C 20 7.96 -27.62 -4.76
CA GLN C 20 7.77 -28.37 -6.00
C GLN C 20 7.42 -29.81 -5.72
N ILE C 21 6.68 -30.40 -6.67
CA ILE C 21 6.49 -31.84 -6.77
C ILE C 21 6.53 -32.21 -8.24
N ASN C 22 6.95 -33.44 -8.50
CA ASN C 22 6.99 -33.92 -9.87
C ASN C 22 6.47 -35.35 -9.93
N SER C 23 6.15 -35.79 -11.15
CA SER C 23 5.59 -37.13 -11.40
C SER C 23 6.57 -38.30 -11.20
N ASP C 24 7.87 -38.04 -11.11
CA ASP C 24 8.82 -39.11 -10.74
C ASP C 24 8.62 -39.51 -9.28
N GLN C 25 8.49 -38.50 -8.40
CA GLN C 25 8.22 -38.72 -6.95
C GLN C 25 6.88 -39.40 -6.74
N LEU C 26 5.90 -39.09 -7.59
CA LEU C 26 4.55 -39.69 -7.47
C LEU C 26 4.37 -41.00 -8.28
N LYS C 27 5.43 -41.49 -8.93
CA LYS C 27 5.42 -42.76 -9.66
C LYS C 27 4.30 -42.84 -10.73
N VAL C 28 4.20 -41.80 -11.56
CA VAL C 28 3.18 -41.72 -12.64
C VAL C 28 3.68 -42.38 -13.95
N LYS C 29 2.78 -43.10 -14.63
CA LYS C 29 3.11 -43.93 -15.80
C LYS C 29 3.46 -43.19 -17.11
N ASP C 30 2.45 -42.81 -17.89
CA ASP C 30 2.62 -42.40 -19.31
C ASP C 30 2.79 -40.90 -19.66
N HIS C 31 2.62 -39.98 -18.70
CA HIS C 31 2.76 -38.53 -18.97
CA HIS C 31 2.77 -38.54 -18.97
C HIS C 31 3.46 -37.82 -17.81
N ALA C 32 4.56 -37.13 -18.13
CA ALA C 32 5.41 -36.44 -17.14
C ALA C 32 4.98 -34.98 -16.87
N PHE C 33 4.98 -34.61 -15.59
CA PHE C 33 4.62 -33.25 -15.18
C PHE C 33 5.26 -32.81 -13.84
N SER C 34 5.23 -31.50 -13.61
CA SER C 34 5.64 -30.94 -12.32
C SER C 34 4.75 -29.78 -11.94
N ILE C 35 4.62 -29.58 -10.63
CA ILE C 35 3.91 -28.42 -10.09
C ILE C 35 4.91 -27.72 -9.18
N GLU C 36 5.08 -26.41 -9.40
CA GLU C 36 6.06 -25.63 -8.63
C GLU C 36 5.53 -24.27 -8.25
N GLN C 37 5.78 -23.89 -7.00
CA GLN C 37 5.49 -22.53 -6.54
C GLN C 37 6.84 -21.85 -6.41
N LYS C 38 6.92 -20.60 -6.88
CA LYS C 38 8.14 -19.80 -6.85
C LYS C 38 7.84 -18.43 -6.27
N VAL C 39 8.65 -18.01 -5.31
CA VAL C 39 8.58 -16.67 -4.74
C VAL C 39 9.46 -15.76 -5.61
N LEU C 40 8.85 -14.74 -6.18
CA LEU C 40 9.55 -13.77 -7.02
C LEU C 40 10.13 -12.59 -6.27
N HIS C 41 11.13 -11.95 -6.90
CA HIS C 41 11.78 -10.75 -6.36
C HIS C 41 12.01 -9.69 -7.42
N GLY C 42 12.38 -8.49 -6.97
CA GLY C 42 12.76 -7.38 -7.83
C GLY C 42 11.63 -6.41 -8.13
N GLY C 43 11.92 -5.12 -8.19
CA GLY C 43 10.93 -4.10 -8.53
C GLY C 43 9.65 -4.23 -7.69
N LYS C 44 8.50 -4.03 -8.32
CA LYS C 44 7.18 -4.12 -7.62
C LYS C 44 6.67 -5.55 -7.51
N GLN C 45 7.51 -6.51 -7.91
CA GLN C 45 7.23 -7.95 -7.85
C GLN C 45 7.73 -8.62 -6.57
N GLU C 46 8.34 -7.86 -5.65
CA GLU C 46 8.94 -8.42 -4.46
C GLU C 46 7.90 -9.14 -3.62
N GLY C 47 8.15 -10.41 -3.32
CA GLY C 47 7.26 -11.25 -2.54
C GLY C 47 6.09 -11.86 -3.29
N SER C 48 5.93 -11.55 -4.58
CA SER C 48 4.81 -12.12 -5.32
C SER C 48 5.13 -13.59 -5.60
N LYS C 49 4.10 -14.41 -5.62
CA LYS C 49 4.21 -15.82 -5.94
C LYS C 49 3.59 -16.15 -7.30
N ILE C 50 4.20 -17.13 -7.94
CA ILE C 50 3.63 -17.79 -9.11
C ILE C 50 3.62 -19.28 -8.81
N LEU C 51 2.66 -19.97 -9.43
CA LEU C 51 2.41 -21.39 -9.25
C LEU C 51 2.18 -21.90 -10.64
N THR C 52 2.98 -22.89 -11.06
CA THR C 52 2.97 -23.38 -12.44
C THR C 52 2.82 -24.89 -12.51
N ILE C 53 1.93 -25.37 -13.38
CA ILE C 53 1.85 -26.78 -13.74
C ILE C 53 2.67 -26.89 -15.04
N HIS C 54 3.73 -27.69 -15.05
CA HIS C 54 4.54 -27.92 -16.26
C HIS C 54 4.13 -29.32 -16.73
N SER C 55 3.49 -29.44 -17.90
CA SER C 55 3.13 -30.75 -18.47
C SER C 55 3.91 -30.91 -19.79
N LYS C 56 4.82 -31.90 -19.83
CA LYS C 56 5.60 -32.21 -21.06
C LYS C 56 4.63 -32.77 -22.08
N ASP C 57 4.60 -32.17 -23.27
CA ASP C 57 3.64 -32.58 -24.34
C ASP C 57 2.20 -32.17 -24.02
N GLY C 58 2.00 -31.22 -23.10
CA GLY C 58 0.67 -30.71 -22.74
C GLY C 58 0.70 -29.21 -22.51
N LEU C 59 -0.12 -28.71 -21.59
CA LEU C 59 -0.13 -27.27 -21.29
C LEU C 59 0.83 -26.97 -20.15
N THR C 60 1.39 -25.76 -20.18
CA THR C 60 2.15 -25.21 -19.05
C THR C 60 1.29 -24.05 -18.57
N ILE C 61 0.80 -24.15 -17.34
CA ILE C 61 -0.19 -23.20 -16.80
C ILE C 61 0.44 -22.45 -15.64
N THR C 62 0.54 -21.12 -15.78
CA THR C 62 1.08 -20.30 -14.75
C THR C 62 0.00 -19.39 -14.17
N LEU C 63 -0.16 -19.45 -12.85
CA LEU C 63 -1.06 -18.57 -12.14
C LEU C 63 -0.34 -17.87 -10.96
N SER C 64 -0.95 -16.81 -10.44
CA SER C 64 -0.38 -16.10 -9.28
C SER C 64 -1.31 -16.15 -8.07
N PRO C 65 -0.89 -16.86 -7.00
CA PRO C 65 -1.68 -16.82 -5.74
C PRO C 65 -1.71 -15.45 -5.08
N THR C 66 -0.67 -14.65 -5.29
CA THR C 66 -0.61 -13.27 -4.76
C THR C 66 -1.64 -12.38 -5.40
N ARG C 67 -1.92 -12.62 -6.67
CA ARG C 67 -2.89 -11.84 -7.47
C ARG C 67 -4.19 -12.64 -7.73
N GLY C 68 -4.82 -13.07 -6.65
CA GLY C 68 -6.11 -13.69 -6.67
C GLY C 68 -6.29 -14.95 -7.47
N MSE C 69 -5.20 -15.68 -7.68
CA MSE C 69 -5.18 -16.87 -8.52
C MSE C 69 -5.46 -16.57 -9.99
O MSE C 69 -5.90 -17.45 -10.77
CB MSE C 69 -6.13 -17.96 -7.98
CG MSE C 69 -6.01 -18.19 -6.46
SE MSE C 69 -4.45 -19.14 -5.88
CE MSE C 69 -4.66 -20.82 -6.84
N ASN C 70 -5.20 -15.31 -10.39
CA ASN C 70 -5.30 -14.94 -11.80
C ASN C 70 -4.41 -15.85 -12.67
N LEU C 71 -4.85 -16.15 -13.90
CA LEU C 71 -4.03 -16.94 -14.82
C LEU C 71 -3.07 -15.99 -15.57
N LEU C 72 -1.77 -16.20 -15.43
CA LEU C 72 -0.81 -15.33 -16.10
C LEU C 72 -0.70 -15.69 -17.57
N ARG C 73 -0.50 -16.98 -17.82
CA ARG C 73 -0.39 -17.46 -19.20
C ARG C 73 -0.53 -18.98 -19.26
N ILE C 74 -0.94 -19.47 -20.44
CA ILE C 74 -1.07 -20.88 -20.78
C ILE C 74 -0.25 -21.13 -22.06
N GLU C 75 0.64 -22.12 -22.06
CA GLU C 75 1.55 -22.40 -23.20
C GLU C 75 1.57 -23.89 -23.56
N GLY C 76 1.53 -24.18 -24.86
CA GLY C 76 1.61 -25.56 -25.30
C GLY C 76 1.22 -25.73 -26.74
N PHE C 77 1.60 -26.86 -27.32
CA PHE C 77 1.20 -27.19 -28.71
C PHE C 77 1.56 -26.08 -29.72
N GLY C 78 2.73 -25.47 -29.53
CA GLY C 78 3.20 -24.39 -30.39
C GLY C 78 2.39 -23.11 -30.37
N SER C 79 1.61 -22.90 -29.30
CA SER C 79 0.79 -21.73 -29.17
C SER C 79 0.72 -21.26 -27.69
N ARG C 80 -0.15 -20.29 -27.43
CA ARG C 80 -0.36 -19.81 -26.08
C ARG C 80 -1.65 -19.02 -25.93
N MSE C 81 -2.14 -18.98 -24.69
CA MSE C 81 -3.20 -18.09 -24.31
C MSE C 81 -2.45 -17.06 -23.42
O MSE C 81 -1.85 -17.44 -22.39
CB MSE C 81 -4.30 -18.77 -23.49
CG MSE C 81 -4.96 -19.95 -24.12
SE MSE C 81 -6.44 -20.55 -22.99
CE MSE C 81 -6.59 -22.19 -23.94
N GLY C 82 -2.48 -15.81 -23.83
CA GLY C 82 -1.78 -14.75 -23.13
C GLY C 82 -1.42 -13.64 -24.09
N TRP C 83 -0.85 -12.58 -23.54
CA TRP C 83 -0.48 -11.40 -24.30
C TRP C 83 0.71 -10.71 -23.68
N ASP C 84 1.20 -9.67 -24.37
CA ASP C 84 2.38 -8.91 -23.98
C ASP C 84 2.04 -7.48 -23.55
N SER C 85 1.78 -7.34 -22.25
CA SER C 85 1.48 -6.04 -21.68
C SER C 85 2.77 -5.25 -21.47
N PRO C 86 2.69 -3.91 -21.47
CA PRO C 86 3.85 -3.13 -20.99
C PRO C 86 4.17 -3.41 -19.50
N VAL C 87 3.20 -3.88 -18.72
CA VAL C 87 3.47 -4.27 -17.34
C VAL C 87 4.13 -5.68 -17.34
N LYS C 88 5.45 -5.71 -17.19
CA LYS C 88 6.18 -6.98 -17.22
C LYS C 88 6.24 -7.72 -15.88
N GLU C 89 6.08 -7.01 -14.76
CA GLU C 89 6.20 -7.62 -13.44
C GLU C 89 4.87 -8.25 -12.92
N VAL C 90 5.00 -9.25 -12.04
CA VAL C 90 3.84 -9.82 -11.33
C VAL C 90 3.74 -8.94 -10.09
N VAL C 91 2.96 -7.86 -10.21
CA VAL C 91 2.95 -6.77 -9.22
C VAL C 91 2.26 -7.21 -7.95
N ASN C 92 3.01 -7.15 -6.84
CA ASN C 92 2.48 -7.42 -5.53
C ASN C 92 1.44 -6.33 -5.27
N PRO C 93 0.20 -6.71 -4.93
CA PRO C 93 -0.83 -5.68 -4.65
C PRO C 93 -0.48 -4.62 -3.59
N ALA C 94 0.44 -4.92 -2.69
CA ALA C 94 1.00 -3.91 -1.78
C ALA C 94 1.53 -2.68 -2.49
N PHE C 95 1.95 -2.81 -3.75
CA PHE C 95 2.46 -1.67 -4.53
C PHE C 95 1.47 -1.05 -5.52
N ILE C 96 0.20 -1.41 -5.44
CA ILE C 96 -0.84 -0.83 -6.28
C ILE C 96 -1.83 -0.11 -5.38
N ASN C 97 -2.19 1.12 -5.75
CA ASN C 97 -3.24 1.86 -5.12
C ASN C 97 -4.35 1.86 -6.14
N LEU C 98 -5.38 1.03 -5.91
CA LEU C 98 -6.48 0.90 -6.87
C LEU C 98 -7.24 2.22 -7.07
N GLU C 99 -7.24 3.06 -6.04
CA GLU C 99 -7.87 4.36 -6.11
C GLU C 99 -7.10 5.39 -6.92
N SER C 100 -5.79 5.17 -7.16
CA SER C 100 -5.02 6.14 -7.92
C SER C 100 -5.49 6.24 -9.37
N ARG C 101 -5.11 7.35 -10.01
CA ARG C 101 -5.49 7.64 -11.39
C ARG C 101 -7.01 7.65 -11.55
N ASN C 102 -7.69 8.24 -10.57
CA ASN C 102 -9.17 8.24 -10.51
C ASN C 102 -9.78 6.83 -10.67
N GLY C 103 -9.29 5.89 -9.89
CA GLY C 103 -9.82 4.53 -9.89
C GLY C 103 -9.30 3.62 -10.96
N LEU C 104 -8.18 4.00 -11.60
CA LEU C 104 -7.57 3.22 -12.68
C LEU C 104 -6.22 2.61 -12.28
N GLY C 105 -5.88 2.64 -11.00
CA GLY C 105 -4.64 2.04 -10.50
C GLY C 105 -4.44 0.58 -10.87
N TRP C 106 -5.54 -0.16 -11.02
CA TRP C 106 -5.53 -1.56 -11.53
C TRP C 106 -4.69 -1.75 -12.81
N LEU C 107 -4.70 -0.72 -13.66
CA LEU C 107 -3.92 -0.70 -14.90
C LEU C 107 -2.40 -0.87 -14.70
N GLU C 108 -1.91 -0.50 -13.53
CA GLU C 108 -0.49 -0.68 -13.21
C GLU C 108 -0.10 -2.15 -12.97
N GLY C 109 -1.09 -3.03 -12.80
CA GLY C 109 -0.84 -4.47 -12.61
C GLY C 109 -1.32 -5.40 -13.72
N PHE C 110 -1.94 -4.87 -14.76
CA PHE C 110 -2.63 -5.71 -15.75
C PHE C 110 -1.75 -6.25 -16.85
N ASN C 111 -1.49 -7.55 -16.78
CA ASN C 111 -0.75 -8.31 -17.81
C ASN C 111 -1.22 -9.77 -17.98
N GLU C 112 -2.35 -10.11 -17.36
CA GLU C 112 -2.74 -11.50 -17.20
C GLU C 112 -3.60 -12.07 -18.34
N MSE C 113 -3.53 -13.39 -18.48
CA MSE C 113 -4.38 -14.12 -19.43
C MSE C 113 -5.82 -14.18 -18.90
O MSE C 113 -6.77 -14.07 -19.71
CB MSE C 113 -3.83 -15.52 -19.63
CG MSE C 113 -4.61 -16.36 -20.70
SE MSE C 113 -5.88 -17.47 -19.82
CE MSE C 113 -7.33 -16.94 -20.92
N MSE C 114 -6.01 -14.30 -17.57
CA MSE C 114 -7.38 -14.34 -17.02
CA MSE C 114 -7.37 -14.43 -16.99
C MSE C 114 -7.41 -13.72 -15.64
O MSE C 114 -6.74 -14.18 -14.73
CB MSE C 114 -7.97 -15.76 -16.99
CB MSE C 114 -7.69 -15.94 -16.80
CG MSE C 114 -9.50 -15.83 -16.87
CG MSE C 114 -9.14 -16.43 -16.78
SE MSE C 114 -10.20 -15.39 -15.12
SE MSE C 114 -10.19 -15.88 -15.27
CE MSE C 114 -8.98 -16.45 -14.05
CE MSE C 114 -10.65 -14.22 -16.07
N VAL C 115 -8.16 -12.63 -15.55
CA VAL C 115 -8.40 -11.90 -14.32
C VAL C 115 -9.88 -12.00 -13.94
N ARG C 116 -10.13 -12.43 -12.70
CA ARG C 116 -11.47 -12.45 -12.10
C ARG C 116 -11.72 -11.02 -11.69
N CYS C 117 -12.59 -10.35 -12.46
CA CYS C 117 -12.96 -8.96 -12.22
C CYS C 117 -14.27 -8.95 -11.43
N GLY C 118 -14.11 -8.92 -10.12
CA GLY C 118 -15.20 -9.07 -9.19
C GLY C 118 -14.60 -9.16 -7.81
N TYR C 119 -15.32 -9.67 -6.82
CA TYR C 119 -16.73 -10.09 -6.90
C TYR C 119 -17.65 -9.08 -6.20
N GLU C 120 -17.14 -8.33 -5.22
CA GLU C 120 -17.97 -7.32 -4.57
C GLU C 120 -18.51 -6.32 -5.58
N TRP C 121 -17.70 -5.93 -6.55
CA TRP C 121 -18.17 -5.14 -7.71
C TRP C 121 -17.22 -5.36 -8.90
N THR C 122 -17.58 -4.82 -10.06
CA THR C 122 -16.74 -4.96 -11.24
C THR C 122 -16.89 -3.72 -12.11
N GLY C 123 -16.18 -3.72 -13.22
CA GLY C 123 -16.37 -2.68 -14.23
C GLY C 123 -15.52 -1.46 -14.07
N HIS C 124 -15.75 -0.54 -15.01
CA HIS C 124 -15.06 0.75 -15.08
C HIS C 124 -15.34 1.52 -13.80
N PRO C 125 -14.40 2.39 -13.38
CA PRO C 125 -14.62 3.10 -12.11
C PRO C 125 -15.68 4.19 -12.13
N VAL C 126 -16.14 4.56 -10.93
CA VAL C 126 -17.12 5.61 -10.74
C VAL C 126 -17.10 5.99 -9.28
N THR C 127 -17.29 7.28 -8.99
CA THR C 127 -17.46 7.76 -7.64
C THR C 127 -18.95 7.82 -7.39
N ALA C 128 -19.45 6.91 -6.57
CA ALA C 128 -20.89 6.80 -6.27
C ALA C 128 -21.00 6.51 -4.79
N ASP C 129 -22.17 6.89 -4.30
N ASP C 129 -22.04 7.01 -4.13
CA ASP C 129 -22.40 7.21 -2.92
CA ASP C 129 -22.27 6.73 -2.68
C ASP C 129 -21.43 8.40 -2.97
C ASP C 129 -21.11 7.23 -1.73
N GLY C 130 -20.48 8.36 -2.06
CA GLY C 130 -19.31 9.06 -1.53
C GLY C 130 -17.96 8.37 -1.82
N GLN C 131 -17.98 7.21 -2.47
CA GLN C 131 -16.89 6.24 -2.50
C GLN C 131 -16.39 6.00 -3.92
N ILE C 132 -15.10 5.69 -4.09
CA ILE C 132 -14.58 5.34 -5.44
C ILE C 132 -14.78 3.83 -5.64
N TYR C 133 -15.54 3.43 -6.65
CA TYR C 133 -15.57 2.00 -7.01
C TYR C 133 -14.48 1.85 -8.05
N THR C 134 -13.43 1.12 -7.71
CA THR C 134 -12.25 1.07 -8.54
C THR C 134 -12.37 0.04 -9.67
N LEU C 135 -11.62 0.25 -10.74
CA LEU C 135 -11.68 -0.60 -11.93
C LEU C 135 -11.62 -2.09 -11.63
N HIS C 136 -12.65 -2.82 -12.06
CA HIS C 136 -12.70 -4.28 -11.94
C HIS C 136 -12.57 -4.92 -10.54
N GLY C 137 -12.89 -4.17 -9.50
CA GLY C 137 -12.97 -4.75 -8.18
C GLY C 137 -11.63 -5.16 -7.63
N LYS C 138 -11.70 -6.07 -6.68
CA LYS C 138 -10.59 -6.42 -5.82
C LYS C 138 -10.05 -7.84 -5.88
N ALA C 139 -10.81 -8.80 -6.41
CA ALA C 139 -10.34 -10.21 -6.39
C ALA C 139 -8.97 -10.40 -7.02
N GLY C 140 -8.75 -9.75 -8.15
CA GLY C 140 -7.51 -9.94 -8.88
C GLY C 140 -6.29 -9.30 -8.22
N ASN C 141 -6.52 -8.49 -7.20
CA ASN C 141 -5.46 -7.90 -6.43
C ASN C 141 -5.51 -8.32 -4.96
N THR C 142 -6.04 -9.51 -4.70
CA THR C 142 -6.11 -10.02 -3.32
C THR C 142 -5.30 -11.29 -3.24
N PRO C 143 -4.30 -11.33 -2.35
CA PRO C 143 -3.62 -12.60 -2.15
C PRO C 143 -4.53 -13.67 -1.56
N ALA C 144 -4.35 -14.89 -2.04
CA ALA C 144 -5.10 -16.01 -1.59
C ALA C 144 -4.75 -16.35 -0.15
N SER C 145 -5.79 -16.71 0.59
CA SER C 145 -5.73 -17.09 2.00
C SER C 145 -5.46 -18.58 2.19
N LEU C 146 -5.98 -19.41 1.29
CA LEU C 146 -5.75 -20.83 1.36
C LEU C 146 -5.45 -21.27 -0.06
N VAL C 147 -4.38 -22.04 -0.23
CA VAL C 147 -3.97 -22.55 -1.52
C VAL C 147 -3.65 -24.04 -1.35
N GLU C 148 -4.31 -24.87 -2.16
CA GLU C 148 -4.17 -26.33 -2.08
C GLU C 148 -3.87 -26.91 -3.46
N VAL C 149 -3.00 -27.90 -3.51
CA VAL C 149 -2.73 -28.61 -4.74
C VAL C 149 -3.11 -30.05 -4.50
N GLU C 150 -3.97 -30.59 -5.35
CA GLU C 150 -4.42 -31.99 -5.27
C GLU C 150 -4.09 -32.71 -6.56
N VAL C 151 -3.55 -33.93 -6.44
CA VAL C 151 -3.24 -34.75 -7.62
C VAL C 151 -3.80 -36.18 -7.41
N ALA C 152 -4.58 -36.66 -8.38
CA ALA C 152 -5.08 -38.05 -8.39
C ALA C 152 -3.93 -39.04 -8.58
N ASP C 153 -3.95 -40.12 -7.80
CA ASP C 153 -2.89 -41.14 -7.82
C ASP C 153 -3.03 -42.21 -8.90
N SER C 154 -4.03 -42.10 -9.77
CA SER C 154 -4.17 -43.06 -10.88
C SER C 154 -4.69 -42.35 -12.11
N ALA C 155 -4.49 -43.00 -13.26
CA ALA C 155 -4.83 -42.48 -14.59
C ALA C 155 -6.22 -41.82 -14.62
N PRO C 156 -6.35 -40.65 -15.28
CA PRO C 156 -5.38 -39.85 -16.01
C PRO C 156 -4.64 -38.80 -15.12
N TYR C 157 -4.67 -38.98 -13.80
CA TYR C 157 -3.88 -38.17 -12.86
C TYR C 157 -4.27 -36.67 -12.82
N GLU C 158 -5.57 -36.39 -12.69
CA GLU C 158 -6.09 -35.01 -12.73
C GLU C 158 -5.50 -34.16 -11.60
N ILE C 159 -5.04 -32.97 -11.99
CA ILE C 159 -4.51 -31.96 -11.07
C ILE C 159 -5.58 -30.91 -10.77
N ARG C 160 -5.77 -30.60 -9.48
CA ARG C 160 -6.65 -29.52 -9.05
C ARG C 160 -5.87 -28.51 -8.21
N ILE C 161 -6.08 -27.23 -8.49
CA ILE C 161 -5.44 -26.13 -7.73
C ILE C 161 -6.53 -25.19 -7.24
N ARG C 162 -6.64 -25.12 -5.91
CA ARG C 162 -7.70 -24.35 -5.26
C ARG C 162 -7.06 -23.18 -4.57
N GLY C 163 -7.73 -22.03 -4.66
CA GLY C 163 -7.31 -20.80 -3.98
C GLY C 163 -8.51 -20.03 -3.44
N LEU C 164 -8.52 -19.79 -2.12
CA LEU C 164 -9.57 -19.03 -1.42
C LEU C 164 -9.22 -17.55 -1.40
N VAL C 165 -10.02 -16.74 -2.08
CA VAL C 165 -9.77 -15.31 -2.23
C VAL C 165 -10.91 -14.57 -1.52
N LYS C 166 -10.57 -13.85 -0.45
CA LYS C 166 -11.58 -13.28 0.43
C LYS C 166 -11.79 -11.78 0.24
N GLU C 167 -13.04 -11.36 0.32
CA GLU C 167 -13.46 -9.97 0.31
C GLU C 167 -14.29 -9.75 1.58
N SER C 168 -13.58 -9.77 2.70
CA SER C 168 -14.17 -9.69 4.06
C SER C 168 -13.93 -8.30 4.67
N THR C 169 -15.02 -7.59 5.00
CA THR C 169 -14.92 -6.22 5.53
C THR C 169 -15.96 -6.01 6.62
N PHE C 170 -15.53 -5.68 7.83
CA PHE C 170 -16.48 -5.44 8.91
C PHE C 170 -17.51 -4.40 8.49
N LYS C 171 -18.78 -4.72 8.76
CA LYS C 171 -19.95 -3.88 8.47
C LYS C 171 -20.33 -3.78 7.00
N LYS C 172 -19.57 -4.38 6.10
CA LYS C 172 -19.80 -4.21 4.67
C LYS C 172 -20.09 -5.50 3.91
N ALA C 173 -19.21 -6.50 4.02
CA ALA C 173 -19.37 -7.71 3.18
C ALA C 173 -18.53 -8.87 3.69
N ASP C 174 -18.94 -10.08 3.33
CA ASP C 174 -18.10 -11.24 3.57
C ASP C 174 -18.34 -12.25 2.48
N LEU C 175 -17.82 -11.89 1.31
CA LEU C 175 -17.83 -12.69 0.09
C LEU C 175 -16.48 -13.34 0.01
N GLN C 176 -16.48 -14.66 -0.23
CA GLN C 176 -15.25 -15.45 -0.35
C GLN C 176 -15.42 -16.39 -1.53
N THR C 177 -14.43 -16.43 -2.39
CA THR C 177 -14.46 -17.32 -3.59
C THR C 177 -13.43 -18.43 -3.50
N LEU C 178 -13.85 -19.69 -3.53
CA LEU C 178 -12.91 -20.80 -3.51
C LEU C 178 -12.70 -21.04 -4.98
N THR C 179 -11.60 -20.52 -5.52
CA THR C 179 -11.34 -20.69 -6.96
C THR C 179 -10.79 -22.08 -7.14
N GLU C 180 -10.96 -22.67 -8.32
CA GLU C 180 -10.40 -23.99 -8.60
C GLU C 180 -10.14 -24.16 -10.07
N LEU C 181 -8.90 -24.56 -10.39
CA LEU C 181 -8.53 -24.93 -11.75
C LEU C 181 -8.28 -26.44 -11.78
N ARG C 182 -8.81 -27.12 -12.78
CA ARG C 182 -8.57 -28.56 -12.99
C ARG C 182 -7.88 -28.82 -14.30
N TYR C 183 -6.91 -29.72 -14.29
CA TYR C 183 -6.13 -30.01 -15.48
C TYR C 183 -5.67 -31.45 -15.47
N VAL C 184 -5.87 -32.12 -16.59
CA VAL C 184 -5.47 -33.50 -16.78
C VAL C 184 -4.21 -33.41 -17.63
N PRO C 185 -3.10 -33.98 -17.16
CA PRO C 185 -1.85 -34.02 -17.91
C PRO C 185 -1.98 -34.58 -19.32
N GLY C 186 -1.42 -33.84 -20.28
CA GLY C 186 -1.45 -34.15 -21.71
C GLY C 186 -2.59 -33.46 -22.47
N SER C 187 -3.58 -32.93 -21.75
CA SER C 187 -4.76 -32.35 -22.38
C SER C 187 -4.50 -30.97 -22.96
N ASN C 188 -5.34 -30.58 -23.93
CA ASN C 188 -5.30 -29.22 -24.49
C ASN C 188 -6.32 -28.26 -23.85
N SER C 189 -6.97 -28.70 -22.78
CA SER C 189 -7.96 -27.87 -22.07
C SER C 189 -7.76 -27.91 -20.56
N PHE C 190 -8.26 -26.89 -19.89
CA PHE C 190 -8.36 -26.89 -18.44
C PHE C 190 -9.69 -26.28 -18.09
N SER C 191 -10.11 -26.43 -16.84
CA SER C 191 -11.42 -25.91 -16.44
C SER C 191 -11.35 -25.20 -15.11
N LEU C 192 -12.22 -24.22 -14.98
CA LEU C 192 -12.40 -23.47 -13.75
C LEU C 192 -13.76 -23.87 -13.19
N HIS C 193 -13.79 -24.17 -11.88
CA HIS C 193 -14.99 -24.53 -11.12
C HIS C 193 -14.91 -23.71 -9.84
N ASP C 194 -15.22 -22.43 -9.94
CA ASP C 194 -15.12 -21.53 -8.80
C ASP C 194 -16.44 -21.53 -8.03
N VAL C 195 -16.38 -21.25 -6.73
CA VAL C 195 -17.58 -21.11 -5.92
C VAL C 195 -17.47 -19.87 -5.05
N LEU C 196 -18.33 -18.88 -5.33
CA LEU C 196 -18.47 -17.67 -4.52
C LEU C 196 -19.50 -17.97 -3.43
N THR C 197 -19.19 -17.64 -2.18
CA THR C 197 -20.10 -17.87 -1.07
C THR C 197 -20.25 -16.63 -0.25
N ASN C 198 -21.51 -16.27 0.03
CA ASN C 198 -21.82 -15.16 0.93
C ASN C 198 -21.84 -15.72 2.35
N HIS C 199 -20.76 -15.43 3.09
CA HIS C 199 -20.62 -15.90 4.48
C HIS C 199 -21.32 -14.97 5.51
N ALA C 200 -21.96 -13.90 5.04
CA ALA C 200 -22.65 -12.96 5.91
C ALA C 200 -24.10 -13.43 6.14
N ASP C 201 -24.77 -12.79 7.09
CA ASP C 201 -26.16 -13.02 7.46
C ASP C 201 -27.10 -12.05 6.74
N TYR C 202 -26.58 -11.28 5.78
CA TYR C 202 -27.38 -10.34 5.00
C TYR C 202 -27.10 -10.54 3.52
N PRO C 203 -28.12 -10.37 2.67
CA PRO C 203 -27.87 -10.56 1.24
C PRO C 203 -26.90 -9.52 0.75
N HIS C 204 -26.06 -9.85 -0.23
CA HIS C 204 -25.09 -8.88 -0.78
C HIS C 204 -25.01 -8.96 -2.31
N ASP C 205 -24.85 -7.79 -2.92
CA ASP C 205 -24.60 -7.70 -4.33
C ASP C 205 -23.30 -8.38 -4.68
N TYR C 206 -23.23 -8.90 -5.88
CA TYR C 206 -21.96 -9.36 -6.45
C TYR C 206 -22.00 -9.18 -7.95
N GLN C 207 -20.81 -9.11 -8.54
CA GLN C 207 -20.66 -9.03 -9.98
C GLN C 207 -19.37 -9.74 -10.32
N ILE C 208 -19.33 -10.44 -11.45
CA ILE C 208 -18.07 -11.02 -11.93
C ILE C 208 -17.99 -11.03 -13.45
N ILE C 209 -16.80 -10.69 -13.95
CA ILE C 209 -16.43 -10.80 -15.36
C ILE C 209 -15.20 -11.66 -15.37
N TYR C 210 -15.21 -12.69 -16.20
CA TYR C 210 -14.06 -13.57 -16.40
C TYR C 210 -13.28 -13.05 -17.61
N HIS C 211 -12.37 -12.13 -17.31
CA HIS C 211 -11.65 -11.31 -18.29
C HIS C 211 -10.50 -12.13 -18.85
N SER C 212 -10.76 -12.79 -19.98
CA SER C 212 -9.84 -13.75 -20.62
C SER C 212 -9.25 -13.14 -21.88
N ASN C 213 -7.93 -13.04 -21.93
CA ASN C 213 -7.21 -12.19 -22.88
C ASN C 213 -6.22 -12.96 -23.72
N PHE C 214 -6.28 -12.71 -25.04
CA PHE C 214 -5.46 -13.44 -26.03
C PHE C 214 -4.78 -12.51 -27.03
N GLY C 215 -3.50 -12.79 -27.30
CA GLY C 215 -2.70 -12.07 -28.27
C GLY C 215 -2.16 -13.01 -29.33
N THR C 216 -1.03 -12.67 -29.92
CA THR C 216 -0.38 -13.52 -30.89
C THR C 216 -0.01 -14.82 -30.17
N PRO C 217 0.11 -15.94 -30.89
CA PRO C 217 -0.02 -16.15 -32.33
C PRO C 217 -1.46 -16.38 -32.80
N ILE C 218 -2.43 -16.30 -31.90
CA ILE C 218 -3.84 -16.47 -32.24
C ILE C 218 -4.35 -15.18 -32.89
N LEU C 219 -4.20 -14.04 -32.21
CA LEU C 219 -4.65 -12.76 -32.73
C LEU C 219 -3.69 -12.27 -33.81
N GLU C 220 -4.26 -11.76 -34.90
CA GLU C 220 -3.53 -11.26 -36.06
C GLU C 220 -4.52 -10.62 -37.03
N GLU C 221 -4.02 -9.96 -38.07
CA GLU C 221 -4.87 -9.49 -39.18
C GLU C 221 -5.71 -10.65 -39.67
N GLY C 222 -7.03 -10.44 -39.76
CA GLY C 222 -7.93 -11.48 -40.24
C GLY C 222 -8.25 -12.61 -39.28
N ALA C 223 -7.78 -12.50 -38.03
CA ALA C 223 -8.21 -13.43 -36.98
C ALA C 223 -9.70 -13.22 -36.83
N ARG C 224 -10.40 -14.26 -36.36
CA ARG C 224 -11.86 -14.18 -36.19
C ARG C 224 -12.34 -14.46 -34.78
N PHE C 225 -13.44 -13.79 -34.40
CA PHE C 225 -14.15 -14.06 -33.17
C PHE C 225 -15.45 -14.82 -33.48
N LEU C 226 -15.61 -16.00 -32.86
CA LEU C 226 -16.72 -16.92 -33.12
C LEU C 226 -17.58 -17.06 -31.87
N ALA C 227 -18.90 -17.01 -32.04
CA ALA C 227 -19.84 -17.13 -30.91
C ALA C 227 -21.27 -17.16 -31.39
N PRO C 228 -22.12 -17.95 -30.72
CA PRO C 228 -23.55 -18.00 -31.09
C PRO C 228 -24.27 -16.89 -30.32
N ILE C 229 -24.84 -15.93 -31.03
CA ILE C 229 -25.44 -14.75 -30.38
C ILE C 229 -26.83 -14.38 -30.90
N SER C 230 -27.65 -13.78 -30.03
CA SER C 230 -28.97 -13.25 -30.45
C SER C 230 -28.84 -11.76 -30.77
N SER C 231 -27.96 -11.05 -30.07
CA SER C 231 -27.74 -9.62 -30.31
C SER C 231 -26.34 -9.17 -29.87
N ILE C 232 -25.86 -8.13 -30.56
CA ILE C 232 -24.58 -7.51 -30.30
C ILE C 232 -24.80 -6.01 -30.50
N SER C 233 -24.13 -5.20 -29.71
CA SER C 233 -24.24 -3.75 -29.79
C SER C 233 -22.91 -3.15 -29.35
N PRO C 234 -22.59 -1.91 -29.78
CA PRO C 234 -21.32 -1.32 -29.36
C PRO C 234 -21.41 -0.72 -27.96
N PHE C 235 -20.25 -0.58 -27.29
CA PHE C 235 -20.20 -0.07 -25.91
C PHE C 235 -20.47 1.43 -25.85
N ASN C 236 -19.96 2.13 -26.86
CA ASN C 236 -20.01 3.58 -26.98
C ASN C 236 -20.03 4.01 -28.45
N ASP C 237 -20.14 5.31 -28.69
CA ASP C 237 -20.23 5.84 -30.06
C ASP C 237 -19.04 5.46 -30.94
N TYR C 238 -17.85 5.45 -30.34
CA TYR C 238 -16.62 5.11 -31.05
C TYR C 238 -16.65 3.68 -31.59
N ALA C 239 -17.25 2.74 -30.86
CA ALA C 239 -17.34 1.34 -31.33
C ALA C 239 -18.37 1.11 -32.44
N LYS C 240 -19.14 2.13 -32.81
CA LYS C 240 -20.17 1.99 -33.85
C LYS C 240 -19.60 1.54 -35.20
N SER C 241 -18.48 2.14 -35.62
CA SER C 241 -17.89 1.85 -36.92
C SER C 241 -17.39 0.40 -37.11
N GLY C 242 -17.12 -0.30 -36.01
CA GLY C 242 -16.68 -1.71 -36.01
C GLY C 242 -17.79 -2.75 -35.87
N LEU C 243 -19.02 -2.32 -35.62
CA LEU C 243 -20.16 -3.24 -35.44
C LEU C 243 -20.36 -4.30 -36.55
N LYS C 244 -20.27 -3.91 -37.83
CA LYS C 244 -20.51 -4.84 -38.96
C LYS C 244 -19.44 -5.92 -39.12
N THR C 245 -18.21 -5.61 -38.77
CA THR C 245 -17.11 -6.57 -38.87
C THR C 245 -16.66 -7.02 -37.48
N TRP C 246 -17.62 -7.18 -36.55
CA TRP C 246 -17.37 -7.67 -35.20
C TRP C 246 -16.65 -9.02 -35.18
N GLN C 247 -16.94 -9.90 -36.14
CA GLN C 247 -16.28 -11.21 -36.22
C GLN C 247 -14.82 -11.12 -36.70
N THR C 248 -14.39 -9.96 -37.23
CA THR C 248 -13.03 -9.80 -37.81
C THR C 248 -12.12 -8.75 -37.13
N TYR C 249 -10.88 -9.19 -36.86
CA TYR C 249 -9.85 -8.37 -36.23
C TYR C 249 -8.91 -7.74 -37.26
N GLN C 250 -8.50 -6.50 -37.01
CA GLN C 250 -7.47 -5.81 -37.78
C GLN C 250 -6.13 -6.14 -37.16
N GLY C 251 -5.07 -5.86 -37.91
CA GLY C 251 -3.70 -5.98 -37.42
C GLY C 251 -3.37 -4.85 -36.44
N PRO C 252 -2.14 -4.85 -35.89
CA PRO C 252 -1.76 -3.82 -34.92
C PRO C 252 -1.93 -2.42 -35.56
N THR C 253 -2.77 -1.56 -34.96
CA THR C 253 -3.17 -0.28 -35.58
C THR C 253 -2.93 0.93 -34.67
N LYS C 254 -2.14 1.90 -35.14
CA LYS C 254 -1.85 3.11 -34.36
C LYS C 254 -3.14 3.94 -34.23
N ASP C 255 -3.34 4.54 -33.05
CA ASP C 255 -4.48 5.43 -32.74
C ASP C 255 -5.87 4.75 -32.70
N PHE C 256 -5.89 3.43 -32.59
CA PHE C 256 -7.14 2.67 -32.57
C PHE C 256 -7.74 2.69 -31.14
N ASP C 257 -6.85 2.52 -30.16
CA ASP C 257 -7.19 2.33 -28.74
C ASP C 257 -7.93 1.01 -28.57
N GLU C 258 -9.26 1.02 -28.64
CA GLU C 258 -10.06 -0.19 -28.49
C GLU C 258 -11.50 0.01 -28.95
N MSE C 259 -12.18 -1.10 -29.24
CA MSE C 259 -13.62 -1.13 -29.49
C MSE C 259 -14.17 -2.31 -28.71
O MSE C 259 -13.64 -3.41 -28.80
CB MSE C 259 -13.92 -1.28 -30.97
CG MSE C 259 -13.63 -0.03 -31.74
SE MSE C 259 -14.16 -0.19 -33.57
CE MSE C 259 -13.71 1.65 -34.03
N VAL C 260 -15.23 -2.06 -27.93
CA VAL C 260 -15.83 -3.05 -27.04
C VAL C 260 -17.26 -3.29 -27.52
N PHE C 261 -17.67 -4.55 -27.49
CA PHE C 261 -19.04 -4.93 -27.88
C PHE C 261 -19.72 -5.76 -26.80
N ASN C 262 -20.99 -5.44 -26.57
CA ASN C 262 -21.83 -6.09 -25.57
C ASN C 262 -22.74 -7.12 -26.26
N ILE C 263 -22.52 -8.40 -25.94
CA ILE C 263 -23.22 -9.54 -26.58
C ILE C 263 -24.24 -10.25 -25.66
N GLN C 264 -25.29 -10.78 -26.28
CA GLN C 264 -26.27 -11.65 -25.66
C GLN C 264 -26.08 -13.04 -26.29
N PRO C 265 -25.50 -14.00 -25.57
CA PRO C 265 -25.25 -15.32 -26.16
C PRO C 265 -26.43 -16.29 -26.15
N LEU C 266 -26.43 -17.24 -27.09
CA LEU C 266 -27.34 -18.39 -27.08
C LEU C 266 -26.58 -19.58 -26.44
N ALA C 267 -27.32 -20.55 -25.92
CA ALA C 267 -26.76 -21.77 -25.29
C ALA C 267 -27.47 -23.08 -25.73
N ASP C 268 -26.88 -24.24 -25.41
CA ASP C 268 -27.40 -25.59 -25.75
C ASP C 268 -28.48 -26.10 -24.71
N GLU C 269 -28.85 -27.40 -24.78
CA GLU C 269 -29.87 -28.02 -23.88
C GLU C 269 -29.47 -28.13 -22.41
N ASN C 270 -28.22 -27.88 -22.08
CA ASN C 270 -27.76 -27.88 -20.70
C ASN C 270 -27.22 -26.48 -20.31
N HIS C 271 -27.72 -25.43 -20.97
CA HIS C 271 -27.32 -24.02 -20.73
C HIS C 271 -25.80 -23.70 -20.92
N GLN C 272 -25.15 -24.47 -21.81
CA GLN C 272 -23.75 -24.27 -22.13
C GLN C 272 -23.60 -23.47 -23.44
N THR C 273 -22.61 -22.59 -23.49
CA THR C 273 -22.28 -21.84 -24.70
C THR C 273 -20.79 -21.88 -24.87
N LEU C 274 -20.34 -21.47 -26.05
CA LEU C 274 -18.93 -21.58 -26.47
C LEU C 274 -18.56 -20.36 -27.29
N ALA C 275 -17.52 -19.64 -26.87
CA ALA C 275 -17.01 -18.47 -27.59
C ALA C 275 -15.54 -18.75 -27.87
N ALA C 276 -15.04 -18.23 -28.99
CA ALA C 276 -13.65 -18.51 -29.42
C ALA C 276 -13.01 -17.40 -30.23
N VAL C 277 -11.68 -17.38 -30.20
CA VAL C 277 -10.88 -16.51 -31.05
C VAL C 277 -9.97 -17.46 -31.81
N VAL C 278 -9.94 -17.33 -33.14
CA VAL C 278 -9.14 -18.19 -34.00
C VAL C 278 -8.31 -17.36 -34.97
N ASN C 279 -7.17 -17.91 -35.39
CA ASN C 279 -6.28 -17.21 -36.34
C ASN C 279 -6.83 -17.22 -37.79
N LYS C 280 -6.19 -16.47 -38.68
CA LYS C 280 -6.67 -16.27 -40.06
C LYS C 280 -6.75 -17.59 -40.83
N ALA C 281 -5.70 -18.41 -40.75
CA ALA C 281 -5.68 -19.72 -41.39
C ALA C 281 -6.66 -20.73 -40.75
N GLY C 282 -7.11 -20.45 -39.54
CA GLY C 282 -8.03 -21.33 -38.84
C GLY C 282 -7.43 -22.63 -38.33
N ASP C 283 -6.14 -22.61 -37.97
CA ASP C 283 -5.45 -23.79 -37.39
C ASP C 283 -4.94 -23.59 -35.96
N LYS C 284 -5.12 -22.39 -35.40
CA LYS C 284 -4.80 -22.04 -33.99
C LYS C 284 -5.96 -21.20 -33.42
N GLY C 285 -6.32 -21.47 -32.18
CA GLY C 285 -7.34 -20.66 -31.51
C GLY C 285 -7.46 -21.00 -30.04
N ALA C 286 -8.42 -20.35 -29.39
CA ALA C 286 -8.76 -20.64 -27.99
C ALA C 286 -10.27 -20.53 -27.83
N SER C 287 -10.87 -21.51 -27.17
CA SER C 287 -12.32 -21.47 -26.87
C SER C 287 -12.56 -21.44 -25.37
N ILE C 288 -13.72 -20.85 -25.01
CA ILE C 288 -14.20 -20.77 -23.64
C ILE C 288 -15.62 -21.30 -23.62
N GLN C 289 -15.83 -22.42 -22.92
CA GLN C 289 -17.20 -22.89 -22.64
C GLN C 289 -17.64 -22.27 -21.33
N PHE C 290 -18.87 -21.80 -21.26
CA PHE C 290 -19.46 -21.34 -19.97
C PHE C 290 -20.95 -21.58 -19.90
N ASP C 291 -21.48 -21.42 -18.70
CA ASP C 291 -22.88 -21.63 -18.37
C ASP C 291 -23.59 -20.28 -18.25
N THR C 292 -24.53 -20.06 -19.15
CA THR C 292 -25.25 -18.81 -19.33
C THR C 292 -26.24 -18.46 -18.20
N ARG C 293 -26.51 -19.42 -17.31
CA ARG C 293 -27.27 -19.15 -16.09
C ARG C 293 -26.35 -18.59 -15.00
N GLN C 294 -25.06 -18.90 -15.14
CA GLN C 294 -24.04 -18.47 -14.20
C GLN C 294 -23.47 -17.12 -14.63
N LEU C 295 -23.13 -17.03 -15.92
CA LEU C 295 -22.61 -15.83 -16.59
C LEU C 295 -23.50 -15.52 -17.80
N PRO C 296 -24.59 -14.74 -17.61
CA PRO C 296 -25.56 -14.52 -18.70
C PRO C 296 -25.18 -13.55 -19.82
N VAL C 297 -24.13 -12.75 -19.65
CA VAL C 297 -23.73 -11.80 -20.69
C VAL C 297 -22.27 -12.02 -21.13
N LEU C 298 -21.90 -11.38 -22.23
CA LEU C 298 -20.57 -11.58 -22.83
C LEU C 298 -20.05 -10.27 -23.37
N THR C 299 -18.81 -9.92 -23.04
CA THR C 299 -18.19 -8.70 -23.53
C THR C 299 -17.02 -9.09 -24.46
N LEU C 300 -16.98 -8.47 -25.64
CA LEU C 300 -15.89 -8.65 -26.62
C LEU C 300 -15.04 -7.37 -26.59
N TRP C 301 -13.79 -7.48 -26.14
CA TRP C 301 -12.85 -6.37 -26.08
C TRP C 301 -11.83 -6.54 -27.20
N LYS C 302 -11.88 -5.65 -28.19
CA LYS C 302 -10.97 -5.67 -29.36
C LYS C 302 -9.94 -4.55 -29.18
N ASN C 303 -8.76 -4.89 -28.66
CA ASN C 303 -7.71 -3.91 -28.38
C ASN C 303 -6.57 -4.14 -29.35
N THR C 304 -6.89 -3.91 -30.63
CA THR C 304 -5.98 -4.10 -31.75
C THR C 304 -5.23 -2.81 -32.05
N ASP C 305 -4.53 -2.33 -31.03
CA ASP C 305 -3.67 -1.16 -31.11
C ASP C 305 -2.26 -1.73 -31.42
N THR C 306 -1.18 -1.02 -31.09
CA THR C 306 0.15 -1.53 -31.47
C THR C 306 0.65 -2.66 -30.56
N VAL C 307 1.68 -3.36 -31.03
CA VAL C 307 2.25 -4.47 -30.28
C VAL C 307 2.77 -4.01 -28.92
N LYS C 308 3.32 -2.80 -28.87
CA LYS C 308 3.84 -2.27 -27.62
C LYS C 308 2.77 -1.73 -26.68
N GLN C 309 1.76 -1.06 -27.25
CA GLN C 309 0.64 -0.50 -26.48
C GLN C 309 -0.25 -1.64 -25.95
N GLY C 310 -0.47 -2.64 -26.79
CA GLY C 310 -1.31 -3.77 -26.43
C GLY C 310 -2.09 -4.22 -27.63
N TYR C 311 -1.72 -5.39 -28.15
CA TYR C 311 -2.39 -6.05 -29.24
C TYR C 311 -2.99 -7.30 -28.62
N VAL C 312 -4.26 -7.19 -28.25
CA VAL C 312 -4.92 -8.19 -27.43
C VAL C 312 -6.43 -8.13 -27.64
N THR C 313 -7.08 -9.27 -27.49
CA THR C 313 -8.55 -9.33 -27.46
C THR C 313 -8.98 -10.00 -26.16
N GLY C 314 -10.08 -9.51 -25.59
CA GLY C 314 -10.70 -10.11 -24.42
C GLY C 314 -12.03 -10.76 -24.75
N ILE C 315 -12.15 -12.04 -24.42
CA ILE C 315 -13.44 -12.74 -24.48
C ILE C 315 -13.87 -12.77 -23.01
N GLU C 316 -14.93 -12.04 -22.68
CA GLU C 316 -15.25 -11.75 -21.26
C GLU C 316 -16.67 -12.15 -20.81
N PRO C 317 -16.87 -13.43 -20.49
CA PRO C 317 -18.16 -13.83 -19.97
C PRO C 317 -18.38 -13.23 -18.57
N GLY C 318 -19.61 -12.90 -18.23
CA GLY C 318 -19.88 -12.38 -16.90
C GLY C 318 -21.33 -12.21 -16.52
N THR C 319 -21.52 -11.76 -15.29
CA THR C 319 -22.83 -11.40 -14.78
C THR C 319 -23.18 -9.97 -15.22
N SER C 320 -22.18 -9.20 -15.64
CA SER C 320 -22.32 -7.78 -15.97
C SER C 320 -21.45 -7.42 -17.18
N TYR C 321 -21.79 -6.30 -17.82
CA TYR C 321 -20.92 -5.68 -18.81
C TYR C 321 -19.95 -4.79 -18.05
N ALA C 322 -18.98 -4.23 -18.76
CA ALA C 322 -17.93 -3.42 -18.14
C ALA C 322 -18.33 -1.99 -17.77
N TYR C 323 -19.62 -1.66 -17.87
CA TYR C 323 -20.08 -0.35 -17.42
C TYR C 323 -19.87 -0.24 -15.92
N PRO C 324 -19.81 0.99 -15.37
CA PRO C 324 -19.64 1.15 -13.93
C PRO C 324 -20.81 0.58 -13.16
N VAL C 325 -20.61 0.33 -11.87
CA VAL C 325 -21.63 -0.30 -11.01
C VAL C 325 -22.94 0.49 -10.97
N THR C 326 -22.87 1.82 -11.13
CA THR C 326 -24.06 2.67 -11.19
C THR C 326 -24.98 2.27 -12.35
N ILE C 327 -24.40 2.06 -13.51
CA ILE C 327 -25.16 1.63 -14.70
C ILE C 327 -25.63 0.17 -14.55
N GLU C 328 -24.76 -0.71 -14.06
CA GLU C 328 -25.11 -2.13 -13.89
C GLU C 328 -26.25 -2.36 -12.91
N ARG C 329 -26.29 -1.56 -11.85
CA ARG C 329 -27.38 -1.62 -10.88
C ARG C 329 -28.67 -1.17 -11.55
N LYS C 330 -28.63 0.05 -12.10
CA LYS C 330 -29.76 0.69 -12.76
C LYS C 330 -30.42 -0.19 -13.85
N GLN C 331 -29.60 -0.82 -14.69
CA GLN C 331 -30.11 -1.73 -15.74
C GLN C 331 -30.30 -3.19 -15.27
N LYS C 332 -30.22 -3.41 -13.96
CA LYS C 332 -30.68 -4.64 -13.31
C LYS C 332 -29.85 -5.90 -13.57
N ARG C 333 -28.54 -5.71 -13.80
CA ARG C 333 -27.65 -6.85 -13.97
C ARG C 333 -26.90 -7.28 -12.70
N VAL C 334 -26.85 -6.43 -11.70
CA VAL C 334 -26.13 -6.76 -10.46
C VAL C 334 -26.87 -7.92 -9.75
N LYS C 335 -26.17 -9.02 -9.48
CA LYS C 335 -26.79 -10.17 -8.82
C LYS C 335 -26.78 -9.97 -7.29
N GLN C 336 -27.71 -10.61 -6.58
CA GLN C 336 -27.75 -10.64 -5.11
CA GLN C 336 -27.66 -10.65 -5.11
C GLN C 336 -27.47 -12.09 -4.71
N LEU C 337 -26.63 -12.31 -3.71
CA LEU C 337 -26.37 -13.65 -3.19
C LEU C 337 -26.94 -13.67 -1.77
N GLN C 338 -27.79 -14.65 -1.47
CA GLN C 338 -28.46 -14.71 -0.17
C GLN C 338 -27.50 -15.17 0.93
N PRO C 339 -27.83 -14.90 2.22
CA PRO C 339 -26.98 -15.32 3.34
C PRO C 339 -26.70 -16.83 3.31
N GLY C 340 -25.46 -17.22 3.52
CA GLY C 340 -25.05 -18.62 3.43
C GLY C 340 -25.02 -19.23 2.03
N ALA C 341 -25.58 -18.58 1.02
CA ALA C 341 -25.73 -19.16 -0.32
C ALA C 341 -24.45 -19.07 -1.14
N SER C 342 -24.38 -19.92 -2.16
CA SER C 342 -23.21 -19.99 -3.04
C SER C 342 -23.59 -19.79 -4.50
N ALA C 343 -22.70 -19.22 -5.29
CA ALA C 343 -22.86 -19.16 -6.76
C ALA C 343 -21.67 -19.90 -7.38
N GLN C 344 -21.93 -20.71 -8.42
CA GLN C 344 -20.89 -21.52 -9.12
C GLN C 344 -20.54 -20.88 -10.45
N PHE C 345 -19.28 -21.11 -10.87
CA PHE C 345 -18.78 -20.64 -12.16
C PHE C 345 -17.95 -21.77 -12.75
N ASP C 346 -18.51 -22.42 -13.78
CA ASP C 346 -17.92 -23.56 -14.44
C ASP C 346 -17.53 -23.07 -15.85
N LEU C 347 -16.24 -23.10 -16.16
CA LEU C 347 -15.76 -22.70 -17.51
C LEU C 347 -14.73 -23.72 -17.97
N THR C 348 -14.70 -23.97 -19.28
CA THR C 348 -13.67 -24.83 -19.90
C THR C 348 -12.92 -24.04 -20.97
N TYR C 349 -11.60 -23.97 -20.83
CA TYR C 349 -10.75 -23.25 -21.77
C TYR C 349 -10.05 -24.31 -22.58
N THR C 350 -10.06 -24.16 -23.89
CA THR C 350 -9.37 -25.12 -24.75
C THR C 350 -8.40 -24.45 -25.73
N LEU C 351 -7.16 -24.94 -25.77
CA LEU C 351 -6.14 -24.44 -26.69
C LEU C 351 -6.28 -25.25 -27.98
N LEU C 352 -6.87 -24.62 -29.00
CA LEU C 352 -7.14 -25.26 -30.29
C LEU C 352 -5.84 -25.24 -31.10
N HIS C 353 -5.32 -26.41 -31.47
CA HIS C 353 -4.00 -26.48 -32.14
C HIS C 353 -3.94 -27.16 -33.52
N ASP C 354 -5.08 -27.52 -34.11
CA ASP C 354 -5.15 -27.94 -35.52
C ASP C 354 -6.43 -27.41 -36.18
N SER C 355 -6.45 -27.50 -37.52
CA SER C 355 -7.60 -27.06 -38.34
CA SER C 355 -7.59 -27.04 -38.33
C SER C 355 -8.93 -27.72 -37.99
N ALA C 356 -8.86 -29.02 -37.63
CA ALA C 356 -10.03 -29.82 -37.26
C ALA C 356 -10.55 -29.52 -35.84
N GLN C 357 -9.69 -29.09 -34.92
CA GLN C 357 -10.16 -28.67 -33.58
C GLN C 357 -10.92 -27.34 -33.69
N VAL C 358 -10.44 -26.47 -34.58
CA VAL C 358 -11.11 -25.22 -34.91
C VAL C 358 -12.38 -25.52 -35.69
N ALA C 359 -12.31 -26.50 -36.60
CA ALA C 359 -13.48 -26.93 -37.39
C ALA C 359 -14.66 -27.27 -36.47
N ALA C 360 -14.33 -28.20 -35.52
CA ALA C 360 -15.29 -28.72 -34.51
C ALA C 360 -15.93 -27.66 -33.64
N VAL C 361 -15.14 -26.67 -33.21
CA VAL C 361 -15.67 -25.58 -32.39
C VAL C 361 -16.66 -24.71 -33.21
N GLU C 362 -16.29 -24.45 -34.46
CA GLU C 362 -17.10 -23.65 -35.37
C GLU C 362 -18.41 -24.35 -35.77
N GLN C 363 -18.38 -25.70 -35.84
CA GLN C 363 -19.56 -26.55 -36.13
C GLN C 363 -20.42 -26.81 -34.86
N LYS C 364 -19.78 -26.95 -33.69
CA LYS C 364 -20.47 -27.01 -32.37
C LYS C 364 -21.19 -25.71 -32.10
N ILE C 365 -20.56 -24.59 -32.47
CA ILE C 365 -21.14 -23.25 -32.40
C ILE C 365 -22.24 -23.09 -33.43
N ALA C 366 -22.02 -23.66 -34.60
CA ALA C 366 -23.02 -23.67 -35.68
C ALA C 366 -24.37 -24.25 -35.23
N LYS C 367 -24.30 -25.42 -34.61
CA LYS C 367 -25.47 -26.15 -34.11
C LYS C 367 -26.22 -25.25 -33.12
N ILE C 368 -25.50 -24.62 -32.18
CA ILE C 368 -26.13 -23.72 -31.20
C ILE C 368 -26.82 -22.48 -31.82
N GLN C 369 -26.18 -21.84 -32.82
CA GLN C 369 -26.76 -20.65 -33.48
C GLN C 369 -28.05 -20.99 -34.25
N GLY C 370 -28.00 -22.03 -35.09
CA GLY C 370 -29.17 -22.49 -35.87
C GLY C 370 -29.75 -21.44 -36.83
N ASP C 371 -31.09 -21.35 -36.89
CA ASP C 371 -31.77 -20.37 -37.74
C ASP C 371 -31.97 -19.00 -37.05
N ASN C 372 -31.45 -18.82 -35.83
CA ASN C 372 -31.56 -17.52 -35.13
C ASN C 372 -30.72 -16.44 -35.80
N LYS C 373 -31.32 -15.26 -36.03
CA LYS C 373 -30.64 -14.15 -36.69
C LYS C 373 -29.88 -13.33 -35.67
N VAL C 374 -28.67 -12.91 -36.03
CA VAL C 374 -27.86 -12.04 -35.19
C VAL C 374 -28.39 -10.62 -35.40
N ALA C 375 -28.93 -10.00 -34.34
CA ALA C 375 -29.41 -8.62 -34.40
C ALA C 375 -28.28 -7.65 -34.00
N GLU C 376 -27.64 -7.01 -34.99
CA GLU C 376 -26.64 -5.97 -34.72
C GLU C 376 -27.39 -4.67 -34.38
N ASN C 377 -27.41 -4.26 -33.11
CA ASN C 377 -28.06 -3.02 -32.70
CA ASN C 377 -28.06 -3.01 -32.71
C ASN C 377 -27.01 -1.91 -32.62
N GLU C 378 -27.20 -0.84 -33.38
CA GLU C 378 -26.22 0.28 -33.46
C GLU C 378 -26.21 1.19 -32.22
N THR C 379 -27.27 1.12 -31.42
CA THR C 379 -27.45 1.94 -30.23
C THR C 379 -26.78 1.29 -29.02
N PRO C 380 -25.84 1.97 -28.35
CA PRO C 380 -25.28 1.41 -27.11
C PRO C 380 -26.33 1.34 -26.01
N ILE C 381 -26.31 0.26 -25.23
CA ILE C 381 -27.31 0.06 -24.19
C ILE C 381 -27.17 1.08 -23.03
N ALA C 382 -26.00 1.70 -22.88
CA ALA C 382 -25.82 2.78 -21.88
C ALA C 382 -24.70 3.75 -22.26
N LYS C 383 -24.73 4.95 -21.64
CA LYS C 383 -23.71 6.00 -21.80
C LYS C 383 -23.10 6.28 -20.44
N GLU C 384 -21.83 5.96 -20.26
CA GLU C 384 -21.20 6.21 -18.95
C GLU C 384 -20.81 7.69 -18.79
CL CL D . 26.07 -11.38 -10.60
CL CL E . 0.42 33.35 -2.82
CL CL F . 40.71 25.82 4.25
S SO4 G . 52.10 -5.21 -0.82
O1 SO4 G . 52.63 -5.17 0.54
O2 SO4 G . 53.23 -5.25 -1.76
O3 SO4 G . 51.27 -6.40 -0.97
O4 SO4 G . 51.27 -4.03 -1.11
S SO4 H . 31.94 11.49 -15.44
O1 SO4 H . 33.00 12.04 -14.60
O2 SO4 H . 32.26 11.57 -16.86
O3 SO4 H . 31.76 10.07 -15.10
O4 SO4 H . 30.70 12.24 -15.22
S SO4 I . 31.56 6.11 -20.70
O1 SO4 I . 32.39 7.01 -19.90
O2 SO4 I . 31.79 6.39 -22.10
O3 SO4 I . 31.96 4.73 -20.45
O4 SO4 I . 30.14 6.34 -20.47
S SO4 J . -2.99 10.65 -18.22
O1 SO4 J . -2.36 11.39 -17.12
O2 SO4 J . -3.40 11.58 -19.27
O3 SO4 J . -2.07 9.67 -18.78
O4 SO4 J . -4.15 9.89 -17.75
S SO4 K . 21.87 16.29 -24.63
O1 SO4 K . 21.50 17.67 -24.28
O2 SO4 K . 21.26 15.94 -25.93
O3 SO4 K . 23.35 16.18 -24.75
O4 SO4 K . 21.38 15.31 -23.63
S SO4 L . 9.11 20.54 -1.36
O1 SO4 L . 9.63 20.00 -0.10
O2 SO4 L . 9.58 21.93 -1.55
O3 SO4 L . 9.54 19.73 -2.50
O4 SO4 L . 7.64 20.52 -1.29
C1 MPD M . 34.36 24.29 -15.25
C2 MPD M . 33.46 23.08 -15.09
O2 MPD M . 33.39 22.35 -16.34
CM MPD M . 34.10 22.10 -14.11
C3 MPD M . 32.02 23.43 -14.64
C4 MPD M . 31.37 24.61 -15.35
O4 MPD M . 31.68 24.62 -16.72
C5 MPD M . 29.85 24.62 -15.27
C1 MPD N . 37.12 23.96 -10.67
C2 MPD N . 35.61 23.93 -10.36
O2 MPD N . 35.42 24.02 -8.93
CM MPD N . 34.95 25.14 -11.03
C3 MPD N . 34.95 22.64 -10.88
C4 MPD N . 34.82 21.45 -9.90
O4 MPD N . 34.35 20.33 -10.64
C5 MPD N . 36.12 21.05 -9.19
CL CL O . 18.43 -8.37 22.85
CL CL P . -21.58 22.71 17.75
CL CL Q . -19.14 -17.75 41.24
S SO4 R . -33.14 16.37 26.29
O1 SO4 R . -33.14 17.36 27.38
O2 SO4 R . -31.76 16.33 25.78
O3 SO4 R . -33.61 15.08 26.85
O4 SO4 R . -34.07 16.80 25.23
C1 MPD S . -10.32 1.26 43.80
C2 MPD S . -9.61 1.24 42.44
O2 MPD S . -8.54 2.21 42.48
CM MPD S . -8.97 -0.12 42.20
C3 MPD S . -10.50 1.61 41.22
C4 MPD S . -11.60 2.65 41.44
O4 MPD S . -11.26 3.63 42.41
C5 MPD S . -11.99 3.41 40.15
C1 MPD T . -8.48 -15.19 13.74
C2 MPD T . -7.65 -14.40 14.75
O2 MPD T . -7.75 -15.13 16.00
CM MPD T . -6.15 -14.33 14.42
C3 MPD T . -8.21 -12.97 14.89
C4 MPD T . -8.32 -12.34 16.30
O4 MPD T . -7.51 -12.95 17.28
C5 MPD T . -7.98 -10.85 16.31
C1 MPD U . -18.08 1.09 15.28
C2 MPD U . -16.92 1.95 14.87
O2 MPD U . -15.89 1.04 14.50
CM MPD U . -17.35 2.80 13.70
C3 MPD U . -16.29 2.81 15.96
C4 MPD U . -17.18 3.17 17.17
O4 MPD U . -16.42 3.92 18.11
C5 MPD U . -18.41 3.97 16.74
C1 MPD V . 6.45 -17.42 1.53
C2 MPD V . 7.46 -16.54 2.23
O2 MPD V . 7.28 -16.79 3.65
CM MPD V . 8.89 -16.96 1.84
C3 MPD V . 7.25 -15.04 1.99
C4 MPD V . 6.64 -14.64 0.63
O4 MPD V . 5.33 -15.15 0.42
C5 MPD V . 6.61 -13.11 0.51
C1 MPD W . -5.45 16.83 43.46
C2 MPD W . -6.44 17.56 42.56
O2 MPD W . -7.62 16.75 42.64
CM MPD W . -6.85 18.94 43.07
C3 MPD W . -6.00 17.70 41.08
C4 MPD W . -4.60 17.19 40.69
O4 MPD W . -4.67 16.66 39.37
C5 MPD W . -3.56 18.32 40.76
CL CL X . -21.27 -0.48 0.65
S SO4 Y . 5.53 -30.84 1.42
O1 SO4 Y . 6.36 -31.87 2.04
O2 SO4 Y . 6.07 -29.51 1.73
O3 SO4 Y . 5.58 -30.99 -0.04
O4 SO4 Y . 4.18 -30.88 2.00
S SO4 Z . 14.76 -9.43 -0.49
O1 SO4 Z . 15.87 -9.74 0.40
O2 SO4 Z . 14.90 -8.09 -1.05
O3 SO4 Z . 14.74 -10.43 -1.57
O4 SO4 Z . 13.52 -9.53 0.29
C1 MPD AA . -21.53 -30.31 -25.54
C2 MPD AA . -20.26 -29.45 -25.57
O2 MPD AA . -19.33 -30.03 -24.64
CM MPD AA . -19.63 -29.53 -26.96
C3 MPD AA . -20.49 -28.01 -25.08
C4 MPD AA . -21.08 -27.05 -26.12
O4 MPD AA . -22.34 -27.52 -26.52
C5 MPD AA . -21.26 -25.63 -25.59
C1 MPD BA . 6.57 -12.68 -15.99
C2 MPD BA . 5.83 -12.28 -17.27
O2 MPD BA . 6.35 -11.04 -17.85
CM MPD BA . 6.11 -13.40 -18.29
C3 MPD BA . 4.36 -12.01 -16.95
C4 MPD BA . 3.36 -12.55 -17.97
O4 MPD BA . 3.33 -13.95 -17.92
C5 MPD BA . 1.96 -12.04 -17.65
C1 MRD CA . -27.04 -21.72 -12.86
C2 MRD CA . -26.60 -22.66 -11.74
O2 MRD CA . -25.40 -22.06 -11.21
CM MRD CA . -27.71 -22.66 -10.68
C3 MRD CA . -26.30 -24.07 -12.28
C4 MRD CA . -25.71 -25.03 -11.23
O4 MRD CA . -24.63 -24.39 -10.58
C5 MRD CA . -25.25 -26.37 -11.83
#